data_4ZHK
#
_entry.id   4ZHK
#
_cell.length_a   175.668
_cell.length_b   175.668
_cell.length_c   86.297
_cell.angle_alpha   90.00
_cell.angle_beta   90.00
_cell.angle_gamma   120.00
#
_symmetry.space_group_name_H-M   'P 65'
#
loop_
_entity.id
_entity.type
_entity.pdbx_description
1 polymer 'Retinoid isomerohydrolase'
2 non-polymer 'FE (II) ION'
3 non-polymer 'TETRAETHYLENE GLYCOL'
4 non-polymer 'SODIUM ION'
5 non-polymer 'TRIETHYLENE GLYCOL'
6 non-polymer (1S)-1-[3-(cyclohexylmethoxy)phenyl]propane-1,3-diol
7 non-polymer (1R)-1-[3-(cyclohexylmethoxy)phenyl]propane-1,3-diol
8 water water
#
_entity_poly.entity_id   1
_entity_poly.type   'polypeptide(L)'
_entity_poly.pdbx_seq_one_letter_code
;(ACE)SSQVEHPAGGYKKLFETVEELSSPLTAHVTGRIPLWLTGSLLRCGPGLFEVGSEPFYHLFDGQALLHKFDFKEGH
VTYHRRFIRTDAYVRAMTEKRIVITEFGTCAFPDPCKNIFSRFFSYFRGVEVTDNALVNIYPVGEDYYACTETNFITKVN
PETLETIKQVDLCNYVSVNGATAHPHIENDGTVYNIGNCFGKNFSIAYNIVKIPPLQADKEDPISKSEIVVQFPCSDRFK
PSYVHSFGLTPNYIVFVETPVKINLFKFLSSWSLWGANYMDCFESNETMGVWLHIADKKRKKYINNKYRTSPFNLFHHIN
TYEDHEFLIVDLCCWKGFEFVYNYLYLANLRENWEEVKKNARKAPQPEVRRYVLPLNIDKADTGKNLVTLPNTTATAILC
SDETIWLEPEVLFSGPRQAFEFPQINYQKYGGKPYTYAYGLGLNHFVPDRLCKLNVKTKETWVWQEPDSYPSEPIFVSHP
DALEEDDGVVLSVVVSPGAGQKPAYLLILNAKDLSEVARAEVEINIPVTFHGLFKKS
;
_entity_poly.pdbx_strand_id   A,B
#
loop_
_chem_comp.id
_chem_comp.type
_chem_comp.name
_chem_comp.formula
A8V non-polymer (1S)-1-[3-(cyclohexylmethoxy)phenyl]propane-1,3-diol 'C16 H24 O3'
A9V non-polymer (1R)-1-[3-(cyclohexylmethoxy)phenyl]propane-1,3-diol 'C16 H24 O3'
ACE non-polymer 'ACETYL GROUP' 'C2 H4 O'
FE2 non-polymer 'FE (II) ION' 'Fe 2'
NA non-polymer 'SODIUM ION' 'Na 1'
PG4 non-polymer 'TETRAETHYLENE GLYCOL' 'C8 H18 O5'
PGE non-polymer 'TRIETHYLENE GLYCOL' 'C6 H14 O4'
#
# COMPACT_ATOMS: atom_id res chain seq x y z
C ACE A 1 -2.01 0.11 -16.02
O ACE A 1 -0.84 0.23 -16.30
CH3 ACE A 1 -2.83 1.33 -15.68
N SER A 2 -2.65 -1.06 -15.93
CA SER A 2 -2.08 -2.38 -16.29
C SER A 2 -2.23 -2.66 -17.79
N SER A 3 -1.40 -3.59 -18.29
CA SER A 3 -1.49 -4.05 -19.66
C SER A 3 -2.68 -5.02 -19.82
N GLN A 4 -3.22 -5.07 -21.05
CA GLN A 4 -4.25 -6.05 -21.42
C GLN A 4 -3.76 -6.93 -22.59
N VAL A 5 -2.44 -7.09 -22.70
CA VAL A 5 -1.81 -7.67 -23.88
C VAL A 5 -0.69 -8.64 -23.48
N GLU A 6 -0.64 -9.78 -24.18
CA GLU A 6 0.47 -10.73 -24.15
C GLU A 6 1.34 -10.47 -25.38
N HIS A 7 2.53 -11.04 -25.39
CA HIS A 7 3.53 -10.83 -26.45
C HIS A 7 4.16 -12.14 -26.96
N PRO A 8 3.33 -13.15 -27.34
CA PRO A 8 3.88 -14.43 -27.84
C PRO A 8 4.77 -14.29 -29.10
N ALA A 9 4.51 -13.30 -29.96
CA ALA A 9 5.37 -13.09 -31.15
C ALA A 9 6.80 -12.62 -30.85
N GLY A 10 7.10 -12.22 -29.61
CA GLY A 10 8.45 -11.81 -29.22
C GLY A 10 9.02 -10.55 -29.89
N GLY A 11 8.16 -9.66 -30.41
CA GLY A 11 8.59 -8.45 -31.13
C GLY A 11 9.47 -7.51 -30.32
N TYR A 12 9.31 -7.53 -28.99
CA TYR A 12 10.12 -6.71 -28.05
C TYR A 12 11.63 -6.95 -28.21
N LYS A 13 12.03 -8.04 -28.85
CA LYS A 13 13.45 -8.30 -29.13
C LYS A 13 14.09 -7.26 -30.07
N LYS A 14 13.28 -6.63 -30.91
CA LYS A 14 13.73 -5.50 -31.71
C LYS A 14 14.23 -4.28 -30.90
N LEU A 15 13.82 -4.15 -29.65
CA LEU A 15 14.33 -3.13 -28.76
C LEU A 15 15.83 -3.27 -28.55
N PHE A 16 16.37 -4.49 -28.65
CA PHE A 16 17.77 -4.80 -28.32
C PHE A 16 18.61 -5.29 -29.50
N GLU A 17 18.27 -4.82 -30.68
CA GLU A 17 18.97 -5.15 -31.90
C GLU A 17 19.73 -3.92 -32.40
N THR A 18 21.01 -4.13 -32.67
CA THR A 18 21.86 -3.11 -33.29
C THR A 18 21.22 -2.41 -34.50
N VAL A 19 21.39 -1.09 -34.57
CA VAL A 19 20.97 -0.31 -35.74
C VAL A 19 22.15 0.49 -36.29
N GLU A 20 21.97 1.00 -37.51
CA GLU A 20 22.93 1.93 -38.11
C GLU A 20 22.49 3.37 -37.89
N GLU A 21 23.48 4.26 -37.73
CA GLU A 21 23.20 5.69 -37.70
C GLU A 21 22.87 6.21 -39.08
N LEU A 22 22.33 7.43 -39.13
CA LEU A 22 21.97 8.07 -40.41
C LEU A 22 23.00 9.14 -40.70
N SER A 23 23.17 9.49 -41.97
CA SER A 23 24.06 10.61 -42.31
C SER A 23 23.29 11.90 -42.40
N SER A 24 21.99 11.85 -42.60
CA SER A 24 21.16 13.04 -42.45
C SER A 24 19.71 12.66 -42.13
N PRO A 25 18.87 13.63 -41.76
CA PRO A 25 17.51 13.25 -41.31
C PRO A 25 16.60 12.57 -42.38
N LEU A 26 15.69 11.72 -41.90
CA LEU A 26 14.62 11.14 -42.71
C LEU A 26 13.33 11.89 -42.49
N THR A 27 12.47 11.92 -43.51
CA THR A 27 11.09 12.30 -43.32
C THR A 27 10.37 11.21 -42.55
N ALA A 28 9.54 11.62 -41.61
CA ALA A 28 8.64 10.72 -40.89
C ALA A 28 7.25 10.97 -41.43
N HIS A 29 6.57 9.91 -41.80
CA HIS A 29 5.35 10.03 -42.59
C HIS A 29 4.18 10.15 -41.62
N VAL A 30 3.49 11.29 -41.66
CA VAL A 30 2.47 11.65 -40.67
C VAL A 30 1.10 11.13 -41.00
N THR A 31 0.44 10.42 -40.08
CA THR A 31 -1.03 10.24 -40.17
C THR A 31 -1.73 10.92 -38.97
N GLY A 32 -2.88 11.57 -39.20
CA GLY A 32 -3.45 12.50 -38.26
C GLY A 32 -2.76 13.84 -38.39
N ARG A 33 -2.86 14.66 -37.35
CA ARG A 33 -2.43 16.07 -37.44
C ARG A 33 -1.45 16.50 -36.33
N ILE A 34 -0.17 16.69 -36.66
CA ILE A 34 0.81 17.17 -35.71
C ILE A 34 0.32 18.58 -35.32
N PRO A 35 0.22 18.87 -33.99
CA PRO A 35 -0.21 20.23 -33.58
C PRO A 35 0.73 21.30 -34.14
N LEU A 36 0.21 22.43 -34.56
CA LEU A 36 1.05 23.45 -35.24
C LEU A 36 1.82 24.28 -34.25
N TRP A 37 1.39 24.29 -32.99
CA TRP A 37 2.18 24.91 -31.93
C TRP A 37 3.38 24.08 -31.49
N LEU A 38 3.51 22.82 -31.94
CA LEU A 38 4.63 21.98 -31.57
C LEU A 38 5.84 22.26 -32.45
N THR A 39 6.84 22.93 -31.88
CA THR A 39 7.99 23.40 -32.63
C THR A 39 9.20 23.13 -31.77
N GLY A 40 10.13 22.29 -32.24
CA GLY A 40 11.30 21.91 -31.49
C GLY A 40 11.75 20.50 -31.77
N SER A 41 12.54 19.95 -30.85
CA SER A 41 13.22 18.68 -31.04
C SER A 41 12.99 17.79 -29.85
N LEU A 42 12.58 16.56 -30.09
CA LEU A 42 12.55 15.53 -29.05
C LEU A 42 13.90 14.84 -29.13
N LEU A 43 14.71 14.98 -28.08
CA LEU A 43 16.05 14.37 -28.01
C LEU A 43 16.03 13.25 -26.98
N ARG A 44 16.51 12.06 -27.37
CA ARG A 44 16.49 10.87 -26.50
C ARG A 44 17.73 10.02 -26.67
N CYS A 45 18.14 9.37 -25.59
CA CYS A 45 19.31 8.52 -25.62
C CYS A 45 18.96 7.09 -25.30
N GLY A 46 19.71 6.18 -25.94
CA GLY A 46 19.64 4.75 -25.67
C GLY A 46 20.82 4.00 -26.23
N PRO A 47 20.89 2.70 -25.95
CA PRO A 47 21.90 1.85 -26.60
C PRO A 47 21.55 1.61 -28.06
N GLY A 48 22.54 1.63 -28.93
CA GLY A 48 22.32 1.38 -30.36
C GLY A 48 23.14 0.27 -30.96
N LEU A 49 24.24 -0.12 -30.30
CA LEU A 49 25.17 -1.13 -30.80
C LEU A 49 25.38 -2.14 -29.70
N PHE A 50 24.88 -3.36 -29.87
CA PHE A 50 24.81 -4.34 -28.77
C PHE A 50 25.88 -5.41 -28.84
N GLU A 51 26.79 -5.24 -29.80
CA GLU A 51 28.02 -6.04 -29.90
C GLU A 51 29.05 -5.29 -30.74
N VAL A 52 30.33 -5.61 -30.50
CA VAL A 52 31.46 -5.11 -31.30
C VAL A 52 32.10 -6.29 -31.99
N GLY A 53 31.72 -6.50 -33.25
CA GLY A 53 32.11 -7.66 -34.01
C GLY A 53 31.43 -8.88 -33.40
N SER A 54 32.23 -9.84 -32.99
CA SER A 54 31.71 -11.04 -32.39
C SER A 54 31.71 -10.96 -30.83
N GLU A 55 32.17 -9.84 -30.24
CA GLU A 55 32.16 -9.63 -28.78
C GLU A 55 30.83 -8.98 -28.35
N PRO A 56 30.02 -9.71 -27.56
CA PRO A 56 28.70 -9.21 -27.17
C PRO A 56 28.76 -8.31 -25.93
N PHE A 57 27.89 -7.31 -25.90
CA PHE A 57 27.53 -6.65 -24.64
C PHE A 57 26.46 -7.49 -23.92
N TYR A 58 26.53 -7.58 -22.59
CA TYR A 58 25.60 -8.50 -21.84
C TYR A 58 24.36 -7.82 -21.18
N HIS A 59 24.51 -6.59 -20.73
CA HIS A 59 23.48 -5.93 -19.95
C HIS A 59 22.76 -4.87 -20.73
N LEU A 60 21.50 -4.63 -20.34
CA LEU A 60 20.69 -3.55 -20.89
C LEU A 60 21.43 -2.19 -20.98
N PHE A 61 22.31 -1.90 -20.01
CA PHE A 61 22.92 -0.58 -19.89
C PHE A 61 24.36 -0.55 -20.46
N ASP A 62 24.68 -1.46 -21.40
CA ASP A 62 26.03 -1.65 -21.97
C ASP A 62 26.19 -1.20 -23.43
N GLY A 63 25.16 -1.38 -24.22
CA GLY A 63 25.23 -0.98 -25.61
C GLY A 63 25.61 0.46 -25.84
N GLN A 64 26.22 0.73 -27.00
CA GLN A 64 26.85 2.05 -27.22
C GLN A 64 25.85 3.15 -27.46
N ALA A 65 26.03 4.25 -26.73
CA ALA A 65 25.11 5.38 -26.79
C ALA A 65 24.81 5.85 -28.21
N LEU A 66 23.52 5.95 -28.44
CA LEU A 66 22.91 6.48 -29.65
C LEU A 66 22.01 7.66 -29.25
N LEU A 67 22.21 8.80 -29.91
CA LEU A 67 21.43 10.01 -29.72
C LEU A 67 20.43 10.14 -30.84
N HIS A 68 19.15 10.29 -30.49
CA HIS A 68 18.03 10.35 -31.41
C HIS A 68 17.40 11.74 -31.41
N LYS A 69 16.84 12.15 -32.54
CA LYS A 69 16.15 13.42 -32.61
C LYS A 69 14.95 13.36 -33.54
N PHE A 70 13.77 13.71 -33.02
CA PHE A 70 12.61 14.01 -33.84
C PHE A 70 12.42 15.52 -33.86
N ASP A 71 12.29 16.09 -35.06
CA ASP A 71 12.10 17.52 -35.20
C ASP A 71 10.70 17.78 -35.65
N PHE A 72 10.09 18.83 -35.11
CA PHE A 72 8.70 19.20 -35.38
C PHE A 72 8.66 20.65 -35.81
N LYS A 73 8.11 20.90 -37.01
CA LYS A 73 7.92 22.27 -37.52
C LYS A 73 6.78 22.29 -38.53
N GLU A 74 5.78 23.13 -38.29
CA GLU A 74 4.65 23.33 -39.19
C GLU A 74 4.00 22.04 -39.65
N GLY A 75 3.80 21.11 -38.70
CA GLY A 75 3.10 19.88 -38.95
C GLY A 75 3.91 18.76 -39.57
N HIS A 76 5.20 18.98 -39.82
CA HIS A 76 6.10 18.01 -40.47
C HIS A 76 7.08 17.47 -39.45
N VAL A 77 7.58 16.27 -39.68
CA VAL A 77 8.47 15.62 -38.72
C VAL A 77 9.66 15.00 -39.43
N THR A 78 10.85 15.15 -38.84
CA THR A 78 12.01 14.41 -39.29
C THR A 78 12.59 13.59 -38.14
N TYR A 79 13.34 12.56 -38.51
CA TYR A 79 14.02 11.69 -37.57
C TYR A 79 15.48 11.59 -37.96
N HIS A 80 16.37 11.63 -36.97
CA HIS A 80 17.81 11.57 -37.19
C HIS A 80 18.46 10.90 -36.00
N ARG A 81 19.58 10.23 -36.22
CA ARG A 81 20.32 9.63 -35.13
C ARG A 81 21.79 9.47 -35.46
N ARG A 82 22.62 9.60 -34.42
CA ARG A 82 24.08 9.48 -34.48
C ARG A 82 24.60 8.83 -33.23
N PHE A 83 25.55 7.92 -33.41
CA PHE A 83 26.30 7.40 -32.28
C PHE A 83 27.09 8.53 -31.65
N ILE A 84 27.17 8.53 -30.33
CA ILE A 84 27.93 9.54 -29.59
C ILE A 84 29.36 9.04 -29.64
N ARG A 85 30.29 9.91 -30.01
CA ARG A 85 31.73 9.59 -30.16
C ARG A 85 32.44 9.68 -28.81
N THR A 86 32.08 8.75 -27.94
CA THR A 86 32.64 8.67 -26.61
C THR A 86 34.00 7.96 -26.75
N ASP A 87 34.81 7.97 -25.71
CA ASP A 87 36.01 7.11 -25.68
C ASP A 87 35.65 5.64 -25.88
N ALA A 88 34.62 5.17 -25.18
CA ALA A 88 34.17 3.79 -25.30
C ALA A 88 33.87 3.43 -26.73
N TYR A 89 33.13 4.28 -27.42
CA TYR A 89 32.75 3.99 -28.78
C TYR A 89 33.92 4.14 -29.79
N VAL A 90 34.69 5.22 -29.64
CA VAL A 90 35.80 5.54 -30.56
C VAL A 90 36.89 4.47 -30.48
N ARG A 91 37.26 4.11 -29.25
CA ARG A 91 38.27 3.11 -29.03
C ARG A 91 37.76 1.72 -29.49
N ALA A 92 36.46 1.47 -29.35
CA ALA A 92 35.90 0.21 -29.84
C ALA A 92 35.98 0.12 -31.35
N MET A 93 35.67 1.22 -32.04
CA MET A 93 35.81 1.26 -33.50
C MET A 93 37.29 1.17 -33.94
N THR A 94 38.18 1.84 -33.22
CA THR A 94 39.61 1.84 -33.55
C THR A 94 40.18 0.43 -33.40
N GLU A 95 40.00 -0.17 -32.21
CA GLU A 95 40.59 -1.49 -31.91
C GLU A 95 39.69 -2.69 -32.28
N LYS A 96 38.54 -2.46 -32.90
CA LYS A 96 37.62 -3.53 -33.35
C LYS A 96 37.32 -4.62 -32.28
N ARG A 97 37.14 -4.16 -31.05
CA ARG A 97 36.79 -5.01 -29.94
C ARG A 97 36.16 -4.13 -28.81
N ILE A 98 35.70 -4.77 -27.74
CA ILE A 98 35.23 -4.04 -26.56
C ILE A 98 36.45 -3.64 -25.75
N VAL A 99 36.68 -2.33 -25.63
CA VAL A 99 37.89 -1.80 -24.95
C VAL A 99 37.64 -1.35 -23.53
N ILE A 100 36.53 -0.63 -23.30
CA ILE A 100 36.20 -0.11 -21.97
C ILE A 100 35.16 -1.05 -21.32
N THR A 101 35.35 -1.34 -20.04
CA THR A 101 34.37 -2.13 -19.30
C THR A 101 33.06 -1.30 -19.14
N GLU A 102 31.94 -1.91 -19.49
CA GLU A 102 30.62 -1.32 -19.29
C GLU A 102 29.95 -1.88 -18.04
N PHE A 103 28.83 -1.29 -17.68
CA PHE A 103 28.05 -1.68 -16.48
C PHE A 103 28.05 -3.20 -16.19
N GLY A 104 27.66 -3.98 -17.18
CA GLY A 104 27.64 -5.45 -17.05
C GLY A 104 28.45 -6.22 -18.09
N THR A 105 29.48 -5.60 -18.66
CA THR A 105 30.34 -6.30 -19.59
C THR A 105 31.80 -5.93 -19.30
N CYS A 106 32.55 -6.91 -18.79
CA CYS A 106 33.99 -6.75 -18.59
C CYS A 106 34.71 -6.78 -19.97
N ALA A 107 35.55 -5.78 -20.21
CA ALA A 107 36.43 -5.77 -21.39
C ALA A 107 37.74 -6.52 -21.05
N PHE A 108 38.16 -7.46 -21.87
CA PHE A 108 39.44 -8.15 -21.61
C PHE A 108 40.57 -7.38 -22.32
N PRO A 109 41.84 -7.50 -21.85
CA PRO A 109 42.96 -6.92 -22.66
C PRO A 109 43.35 -7.74 -23.90
N GLU A 127 39.87 2.43 -15.59
CA GLU A 127 39.32 3.12 -16.76
C GLU A 127 37.76 3.20 -16.92
N VAL A 128 37.18 4.33 -16.50
CA VAL A 128 35.74 4.47 -16.30
C VAL A 128 34.99 4.74 -17.59
N THR A 129 33.88 4.01 -17.82
CA THR A 129 33.05 4.24 -19.01
C THR A 129 32.46 5.67 -19.04
N ASP A 130 32.39 6.19 -20.25
CA ASP A 130 31.75 7.45 -20.57
C ASP A 130 30.64 7.22 -21.61
N ASN A 131 30.16 5.96 -21.71
CA ASN A 131 29.04 5.58 -22.63
C ASN A 131 27.74 6.28 -22.19
N ALA A 132 27.44 7.42 -22.80
CA ALA A 132 26.36 8.33 -22.36
C ALA A 132 24.99 7.93 -22.92
N LEU A 133 24.54 6.74 -22.54
CA LEU A 133 23.37 6.13 -23.19
C LEU A 133 22.02 6.40 -22.50
N VAL A 134 22.03 7.10 -21.38
CA VAL A 134 20.89 7.19 -20.47
C VAL A 134 20.01 8.43 -20.65
N ASN A 135 20.63 9.62 -20.67
CA ASN A 135 19.85 10.86 -20.74
C ASN A 135 20.64 12.03 -21.34
N ILE A 136 19.95 13.13 -21.52
CA ILE A 136 20.51 14.35 -22.04
C ILE A 136 19.83 15.52 -21.33
N TYR A 137 20.63 16.51 -20.93
CA TYR A 137 20.13 17.66 -20.21
C TYR A 137 20.91 18.95 -20.51
N PRO A 138 20.28 20.13 -20.29
CA PRO A 138 20.91 21.43 -20.54
C PRO A 138 21.72 21.97 -19.36
N VAL A 139 22.89 22.52 -19.67
CA VAL A 139 23.68 23.32 -18.74
C VAL A 139 24.08 24.59 -19.52
N GLY A 140 23.72 25.75 -18.98
CA GLY A 140 23.94 27.01 -19.68
C GLY A 140 23.29 26.92 -21.05
N GLU A 141 24.06 27.19 -22.11
CA GLU A 141 23.61 27.07 -23.49
C GLU A 141 23.97 25.74 -24.09
N ASP A 142 24.53 24.83 -23.30
CA ASP A 142 25.02 23.53 -23.80
C ASP A 142 24.06 22.38 -23.45
N TYR A 143 24.23 21.26 -24.14
CA TYR A 143 23.51 20.02 -23.85
C TYR A 143 24.55 18.94 -23.60
N TYR A 144 24.29 18.11 -22.57
CA TYR A 144 25.16 17.01 -22.24
C TYR A 144 24.37 15.72 -22.21
N ALA A 145 24.86 14.74 -22.97
CA ALA A 145 24.48 13.35 -22.84
C ALA A 145 25.21 12.77 -21.65
N CYS A 146 24.58 11.80 -20.96
CA CYS A 146 25.15 11.23 -19.75
C CYS A 146 24.81 9.78 -19.51
N THR A 147 25.67 9.18 -18.67
CA THR A 147 25.35 7.95 -17.97
C THR A 147 25.33 8.32 -16.47
N GLU A 148 25.97 7.55 -15.61
CA GLU A 148 26.01 7.86 -14.18
C GLU A 148 27.41 7.95 -13.62
N THR A 149 28.41 8.09 -14.49
CA THR A 149 29.82 8.18 -14.06
C THR A 149 30.28 9.63 -13.94
N ASN A 150 31.59 9.81 -13.78
CA ASN A 150 32.19 11.13 -13.73
C ASN A 150 32.30 11.84 -15.08
N PHE A 151 32.08 11.11 -16.18
CA PHE A 151 32.17 11.63 -17.53
C PHE A 151 30.80 11.94 -18.16
N ILE A 152 30.62 13.18 -18.59
CA ILE A 152 29.47 13.59 -19.40
C ILE A 152 29.96 14.11 -20.74
N THR A 153 29.11 14.02 -21.76
CA THR A 153 29.54 14.29 -23.11
C THR A 153 28.70 15.40 -23.67
N LYS A 154 29.37 16.53 -23.99
CA LYS A 154 28.73 17.66 -24.61
C LYS A 154 28.40 17.30 -26.03
N VAL A 155 27.16 17.58 -26.45
CA VAL A 155 26.68 17.25 -27.80
C VAL A 155 25.96 18.44 -28.42
N ASN A 156 25.93 18.45 -29.74
CA ASN A 156 25.27 19.49 -30.53
C ASN A 156 23.82 19.08 -30.76
N PRO A 157 22.87 19.83 -30.22
CA PRO A 157 21.46 19.38 -30.30
C PRO A 157 20.84 19.47 -31.68
N GLU A 158 21.48 20.19 -32.61
CA GLU A 158 20.96 20.37 -33.97
C GLU A 158 21.52 19.36 -34.92
N THR A 159 22.83 19.11 -34.86
CA THR A 159 23.51 18.19 -35.77
C THR A 159 23.72 16.79 -35.18
N LEU A 160 23.64 16.67 -33.85
CA LEU A 160 23.97 15.44 -33.11
C LEU A 160 25.46 15.09 -33.07
N GLU A 161 26.32 16.06 -33.40
CA GLU A 161 27.75 15.81 -33.32
C GLU A 161 28.20 15.82 -31.87
N THR A 162 29.25 15.05 -31.61
CA THR A 162 29.83 14.98 -30.28
C THR A 162 30.85 16.12 -30.19
N ILE A 163 30.81 16.90 -29.12
CA ILE A 163 31.67 18.08 -29.03
C ILE A 163 32.86 17.78 -28.15
N LYS A 164 32.62 17.31 -26.93
CA LYS A 164 33.72 16.93 -26.07
C LYS A 164 33.29 16.11 -24.89
N GLN A 165 34.30 15.55 -24.23
CA GLN A 165 34.17 14.86 -22.96
C GLN A 165 34.45 15.80 -21.81
N VAL A 166 33.62 15.74 -20.77
CA VAL A 166 33.83 16.52 -19.55
C VAL A 166 33.95 15.57 -18.38
N ASP A 167 35.00 15.77 -17.60
CA ASP A 167 35.24 14.97 -16.41
C ASP A 167 34.83 15.86 -15.24
N LEU A 168 33.76 15.46 -14.53
CA LEU A 168 33.26 16.25 -13.41
C LEU A 168 34.23 16.30 -12.25
N CYS A 169 35.11 15.29 -12.15
CA CYS A 169 36.19 15.33 -11.16
C CYS A 169 37.16 16.48 -11.28
N ASN A 170 37.30 17.08 -12.48
CA ASN A 170 38.08 18.33 -12.65
C ASN A 170 37.47 19.57 -11.97
N TYR A 171 36.21 19.45 -11.54
CA TYR A 171 35.49 20.56 -10.99
C TYR A 171 35.03 20.36 -9.55
N VAL A 172 34.64 19.15 -9.17
CA VAL A 172 33.98 18.93 -7.88
C VAL A 172 34.28 17.57 -7.38
N SER A 173 34.12 17.41 -6.08
CA SER A 173 34.45 16.18 -5.40
C SER A 173 33.27 15.16 -5.39
N VAL A 174 33.13 14.43 -6.48
CA VAL A 174 32.21 13.30 -6.58
C VAL A 174 32.87 12.24 -7.43
N ASN A 175 32.52 10.98 -7.23
CA ASN A 175 32.94 9.88 -8.12
C ASN A 175 32.01 9.61 -9.29
N GLY A 176 30.84 10.21 -9.25
CA GLY A 176 29.89 10.08 -10.32
C GLY A 176 28.74 11.01 -10.06
N ALA A 177 27.79 11.07 -10.99
CA ALA A 177 26.60 11.87 -10.78
C ALA A 177 25.45 11.20 -11.54
N THR A 178 24.23 11.35 -11.06
CA THR A 178 23.09 10.62 -11.65
C THR A 178 22.79 11.14 -13.05
N ALA A 179 21.99 10.37 -13.78
CA ALA A 179 21.48 10.83 -15.05
C ALA A 179 20.21 11.66 -14.91
N HIS A 180 19.87 12.07 -13.68
CA HIS A 180 18.64 12.79 -13.42
C HIS A 180 18.85 14.06 -12.58
N PRO A 181 19.65 15.02 -13.08
CA PRO A 181 19.74 16.31 -12.40
C PRO A 181 18.40 17.00 -12.44
N HIS A 182 18.13 17.84 -11.45
CA HIS A 182 17.02 18.76 -11.50
C HIS A 182 17.48 20.08 -12.10
N ILE A 183 16.56 20.74 -12.81
CA ILE A 183 16.87 21.96 -13.54
C ILE A 183 15.83 22.98 -13.08
N GLU A 184 16.25 23.97 -12.32
CA GLU A 184 15.33 25.07 -11.94
C GLU A 184 15.04 25.99 -13.15
N ASN A 185 14.01 26.83 -13.04
CA ASN A 185 13.58 27.61 -14.19
C ASN A 185 14.60 28.68 -14.66
N ASP A 186 15.45 29.16 -13.78
CA ASP A 186 16.57 30.02 -14.21
C ASP A 186 17.80 29.30 -14.83
N GLY A 187 17.76 27.95 -14.90
CA GLY A 187 18.86 27.17 -15.48
C GLY A 187 19.83 26.52 -14.51
N THR A 188 19.69 26.84 -13.22
CA THR A 188 20.47 26.22 -12.15
C THR A 188 20.23 24.71 -12.20
N VAL A 189 21.33 23.96 -12.08
CA VAL A 189 21.33 22.50 -12.16
C VAL A 189 21.77 21.92 -10.85
N TYR A 190 20.94 21.02 -10.29
CA TYR A 190 21.30 20.28 -9.12
C TYR A 190 21.44 18.81 -9.47
N ASN A 191 22.45 18.16 -8.85
CA ASN A 191 22.65 16.75 -8.99
C ASN A 191 23.25 16.15 -7.71
N ILE A 192 23.23 14.82 -7.64
CA ILE A 192 23.75 14.08 -6.47
C ILE A 192 24.68 13.00 -6.98
N GLY A 193 25.71 12.75 -6.21
CA GLY A 193 26.72 11.76 -6.56
C GLY A 193 27.37 11.17 -5.34
N ASN A 194 27.84 9.94 -5.48
CA ASN A 194 28.62 9.30 -4.44
C ASN A 194 29.97 10.04 -4.30
N CYS A 195 30.49 10.09 -3.08
CA CYS A 195 31.84 10.57 -2.83
C CYS A 195 32.59 9.54 -1.95
N PHE A 196 33.58 8.84 -2.55
CA PHE A 196 34.45 7.82 -1.87
C PHE A 196 35.78 8.39 -1.39
N ILE A 202 33.26 9.53 3.44
CA ILE A 202 32.31 8.94 2.53
C ILE A 202 30.88 9.57 2.71
N ALA A 203 30.33 10.09 1.62
CA ALA A 203 29.11 10.89 1.66
C ALA A 203 28.38 10.79 0.33
N TYR A 204 27.21 11.43 0.25
CA TYR A 204 26.57 11.69 -1.02
C TYR A 204 26.52 13.20 -1.13
N ASN A 205 27.08 13.77 -2.20
CA ASN A 205 27.18 15.23 -2.34
C ASN A 205 26.21 15.78 -3.33
N ILE A 206 25.58 16.89 -2.97
CA ILE A 206 24.77 17.66 -3.90
C ILE A 206 25.63 18.73 -4.62
N VAL A 207 25.66 18.63 -5.94
CA VAL A 207 26.34 19.57 -6.79
C VAL A 207 25.33 20.58 -7.32
N LYS A 208 25.71 21.85 -7.30
CA LYS A 208 24.95 22.96 -7.89
C LYS A 208 25.79 23.56 -9.01
N ILE A 209 25.19 23.67 -10.18
CA ILE A 209 25.81 24.33 -11.31
C ILE A 209 24.97 25.57 -11.57
N PRO A 210 25.62 26.75 -11.57
CA PRO A 210 24.83 27.95 -11.69
C PRO A 210 24.35 28.21 -13.12
N PRO A 211 23.35 29.09 -13.28
CA PRO A 211 22.96 29.53 -14.62
C PRO A 211 24.10 30.28 -15.34
N LEU A 212 23.99 30.42 -16.66
CA LEU A 212 25.01 31.14 -17.45
C LEU A 212 25.00 32.62 -17.03
N GLN A 213 26.14 33.16 -16.66
CA GLN A 213 26.26 34.59 -16.25
C GLN A 213 26.64 35.47 -17.46
N ALA A 214 26.75 36.78 -17.24
CA ALA A 214 27.09 37.73 -18.31
C ALA A 214 28.49 37.46 -18.92
N ASP A 215 29.48 37.11 -18.09
CA ASP A 215 30.82 36.74 -18.57
C ASP A 215 30.89 35.59 -19.56
N LYS A 216 29.81 34.82 -19.70
CA LYS A 216 29.69 33.72 -20.68
C LYS A 216 30.65 32.56 -20.43
N GLU A 217 31.29 32.48 -19.26
CA GLU A 217 32.17 31.37 -18.93
C GLU A 217 31.34 30.12 -18.65
N ASP A 218 31.97 28.98 -18.85
CA ASP A 218 31.33 27.71 -18.76
C ASP A 218 30.80 27.48 -17.33
N PRO A 219 29.46 27.40 -17.17
CA PRO A 219 28.90 27.22 -15.82
C PRO A 219 29.45 26.02 -15.05
N ILE A 220 29.94 24.99 -15.74
CA ILE A 220 30.54 23.85 -15.04
C ILE A 220 31.77 24.25 -14.25
N SER A 221 32.50 25.27 -14.70
CA SER A 221 33.66 25.75 -13.94
C SER A 221 33.26 26.51 -12.69
N LYS A 222 32.00 26.90 -12.54
CA LYS A 222 31.49 27.45 -11.28
C LYS A 222 30.76 26.43 -10.37
N SER A 223 30.85 25.14 -10.69
CA SER A 223 30.23 24.05 -9.90
C SER A 223 30.69 24.08 -8.48
N GLU A 224 29.78 23.76 -7.57
CA GLU A 224 30.20 23.51 -6.20
C GLU A 224 29.33 22.51 -5.46
N ILE A 225 29.93 21.88 -4.46
CA ILE A 225 29.19 21.07 -3.52
C ILE A 225 28.49 22.01 -2.55
N VAL A 226 27.15 21.98 -2.48
CA VAL A 226 26.41 22.81 -1.54
C VAL A 226 25.91 22.11 -0.29
N VAL A 227 25.71 20.81 -0.34
CA VAL A 227 25.37 20.06 0.87
C VAL A 227 25.72 18.61 0.74
N GLN A 228 25.84 17.96 1.88
CA GLN A 228 26.27 16.57 1.96
C GLN A 228 25.31 15.78 2.80
N PHE A 229 25.00 14.57 2.32
CA PHE A 229 24.19 13.62 3.06
C PHE A 229 25.12 12.54 3.60
N PRO A 230 24.86 12.06 4.83
CA PRO A 230 25.67 11.00 5.40
C PRO A 230 25.35 9.63 4.80
N CYS A 231 26.23 8.67 5.03
N CYS A 231 26.24 8.66 5.03
CA CYS A 231 26.06 7.32 4.55
CA CYS A 231 26.11 7.30 4.53
C CYS A 231 25.78 6.38 5.71
C CYS A 231 25.78 6.37 5.71
N SER A 232 24.93 5.38 5.48
CA SER A 232 24.54 4.40 6.51
C SER A 232 25.62 3.42 6.86
N ASP A 233 26.58 3.23 5.97
CA ASP A 233 27.62 2.24 6.13
C ASP A 233 28.89 2.87 5.53
N ARG A 234 29.94 3.00 6.35
CA ARG A 234 31.22 3.59 5.92
C ARG A 234 31.78 2.96 4.65
N PHE A 235 31.73 1.65 4.55
CA PHE A 235 32.35 0.94 3.42
C PHE A 235 31.41 0.64 2.25
N LYS A 236 30.12 0.89 2.43
CA LYS A 236 29.13 0.55 1.41
C LYS A 236 28.12 1.67 1.22
N PRO A 237 28.39 2.59 0.28
CA PRO A 237 27.39 3.55 -0.12
C PRO A 237 26.24 2.91 -0.93
N SER A 238 25.05 3.50 -0.82
CA SER A 238 23.93 3.03 -1.59
C SER A 238 24.05 3.53 -3.03
N TYR A 239 23.58 2.70 -3.94
CA TYR A 239 23.28 3.09 -5.31
C TYR A 239 22.22 4.18 -5.32
N VAL A 240 22.46 5.26 -6.08
CA VAL A 240 21.50 6.35 -6.18
C VAL A 240 21.27 6.69 -7.63
N HIS A 241 19.99 6.75 -8.01
CA HIS A 241 19.58 6.97 -9.38
C HIS A 241 18.95 8.34 -9.63
N SER A 242 18.35 8.93 -8.62
CA SER A 242 17.63 10.21 -8.74
C SER A 242 17.39 10.74 -7.35
N PHE A 243 16.80 11.91 -7.26
CA PHE A 243 16.55 12.55 -5.98
C PHE A 243 15.45 13.57 -6.12
N GLY A 244 14.93 14.01 -5.00
CA GLY A 244 13.81 14.95 -5.01
C GLY A 244 14.23 16.39 -4.70
N LEU A 245 13.53 17.35 -5.29
CA LEU A 245 13.84 18.75 -5.09
C LEU A 245 12.58 19.61 -5.06
N THR A 246 12.50 20.52 -4.09
CA THR A 246 11.38 21.48 -3.97
C THR A 246 12.04 22.86 -3.88
N PRO A 247 11.26 23.94 -3.77
CA PRO A 247 11.95 25.24 -3.62
C PRO A 247 12.87 25.31 -2.40
N ASN A 248 12.48 24.63 -1.31
CA ASN A 248 13.18 24.74 -0.04
C ASN A 248 13.94 23.54 0.41
N TYR A 249 13.74 22.38 -0.22
CA TYR A 249 14.30 21.17 0.31
C TYR A 249 14.82 20.28 -0.78
N ILE A 250 15.73 19.41 -0.34
CA ILE A 250 16.31 18.35 -1.14
C ILE A 250 15.98 17.06 -0.43
N VAL A 251 15.48 16.07 -1.16
CA VAL A 251 15.15 14.74 -0.60
C VAL A 251 16.01 13.67 -1.25
N PHE A 252 16.63 12.85 -0.40
CA PHE A 252 17.50 11.75 -0.84
C PHE A 252 17.05 10.46 -0.18
N VAL A 253 16.83 9.41 -0.99
CA VAL A 253 16.30 8.14 -0.50
C VAL A 253 17.43 7.13 -0.55
N GLU A 254 17.90 6.72 0.64
CA GLU A 254 19.01 5.79 0.77
C GLU A 254 18.50 4.35 0.85
N THR A 255 18.68 3.59 -0.22
CA THR A 255 18.09 2.25 -0.34
C THR A 255 19.06 1.16 0.09
N PRO A 256 18.55 -0.08 0.23
CA PRO A 256 19.44 -1.18 0.59
C PRO A 256 20.27 -1.77 -0.53
N VAL A 257 20.19 -1.24 -1.75
CA VAL A 257 21.08 -1.66 -2.84
C VAL A 257 22.41 -0.92 -2.65
N LYS A 258 23.44 -1.67 -2.30
CA LYS A 258 24.74 -1.12 -1.90
C LYS A 258 25.82 -1.44 -2.92
N ILE A 259 26.82 -0.56 -2.97
CA ILE A 259 28.03 -0.74 -3.79
C ILE A 259 29.14 -1.17 -2.84
N ASN A 260 29.67 -2.37 -3.04
CA ASN A 260 30.71 -2.94 -2.18
C ASN A 260 32.06 -2.37 -2.63
N LEU A 261 32.57 -1.43 -1.83
CA LEU A 261 33.81 -0.73 -2.17
C LEU A 261 35.08 -1.61 -2.09
N PHE A 262 35.05 -2.67 -1.27
CA PHE A 262 36.12 -3.66 -1.27
C PHE A 262 36.21 -4.29 -2.66
N LYS A 263 35.10 -4.67 -3.25
CA LYS A 263 35.12 -5.15 -4.65
C LYS A 263 35.32 -4.01 -5.66
N PHE A 264 34.69 -2.86 -5.42
CA PHE A 264 34.69 -1.74 -6.41
C PHE A 264 36.10 -1.20 -6.68
N LEU A 265 36.86 -0.97 -5.60
CA LEU A 265 38.21 -0.39 -5.64
C LEU A 265 39.37 -1.40 -5.82
N SER A 266 39.10 -2.71 -5.84
CA SER A 266 40.14 -3.70 -6.19
C SER A 266 40.43 -3.65 -7.69
N SER A 267 41.54 -4.26 -8.14
CA SER A 267 41.90 -4.25 -9.57
C SER A 267 40.99 -5.18 -10.40
N TRP A 268 40.19 -4.57 -11.26
CA TRP A 268 39.13 -5.26 -12.01
C TRP A 268 39.62 -6.21 -13.09
N SER A 269 40.68 -5.86 -13.81
CA SER A 269 41.25 -6.77 -14.83
C SER A 269 41.94 -8.02 -14.22
N LEU A 270 42.36 -7.96 -12.94
CA LEU A 270 42.83 -9.16 -12.21
C LEU A 270 41.66 -10.12 -11.94
N TRP A 271 40.62 -9.62 -11.25
CA TRP A 271 39.43 -10.43 -10.94
C TRP A 271 38.42 -10.58 -12.11
N GLY A 272 38.55 -9.80 -13.19
CA GLY A 272 37.61 -9.83 -14.32
C GLY A 272 36.24 -9.23 -14.02
N ALA A 273 36.21 -8.12 -13.28
CA ALA A 273 34.96 -7.56 -12.74
C ALA A 273 34.36 -6.42 -13.57
N ASN A 274 33.04 -6.32 -13.48
CA ASN A 274 32.31 -5.19 -14.01
C ASN A 274 31.62 -4.47 -12.84
N TYR A 275 30.77 -3.50 -13.16
CA TYR A 275 30.07 -2.70 -12.15
C TYR A 275 29.00 -3.58 -11.44
N MET A 276 28.18 -4.31 -12.20
CA MET A 276 27.18 -5.24 -11.64
C MET A 276 27.76 -6.14 -10.56
N ASP A 277 28.99 -6.63 -10.77
CA ASP A 277 29.63 -7.53 -9.80
C ASP A 277 29.87 -6.90 -8.44
N CYS A 278 29.85 -5.59 -8.33
CA CYS A 278 30.13 -4.95 -7.05
C CYS A 278 28.86 -4.63 -6.22
N PHE A 279 27.66 -4.89 -6.76
CA PHE A 279 26.41 -4.58 -6.05
C PHE A 279 26.00 -5.67 -5.09
N GLU A 280 25.48 -5.29 -3.93
CA GLU A 280 24.93 -6.29 -3.00
C GLU A 280 23.77 -5.65 -2.28
N SER A 281 22.97 -6.46 -1.57
CA SER A 281 21.77 -5.98 -0.88
C SER A 281 21.97 -6.09 0.61
N ASN A 282 21.73 -5.01 1.33
CA ASN A 282 21.73 -5.05 2.79
C ASN A 282 20.33 -5.45 3.26
N GLU A 283 20.27 -6.61 3.90
CA GLU A 283 19.00 -7.25 4.25
C GLU A 283 18.26 -6.62 5.43
N THR A 284 18.95 -5.90 6.30
CA THR A 284 18.34 -5.45 7.56
C THR A 284 18.08 -3.96 7.63
N MET A 285 18.74 -3.14 6.83
CA MET A 285 18.58 -1.68 6.99
C MET A 285 17.22 -1.09 6.54
N GLY A 286 16.53 -1.76 5.62
CA GLY A 286 15.37 -1.15 4.97
C GLY A 286 15.79 0.08 4.16
N VAL A 287 14.92 1.11 4.14
CA VAL A 287 15.18 2.36 3.43
C VAL A 287 15.29 3.52 4.42
N TRP A 288 16.36 4.30 4.29
CA TRP A 288 16.54 5.52 5.09
C TRP A 288 16.27 6.71 4.20
N LEU A 289 15.40 7.61 4.64
CA LEU A 289 15.10 8.82 3.88
C LEU A 289 15.70 10.03 4.58
N HIS A 290 16.18 10.97 3.75
CA HIS A 290 16.99 12.10 4.21
C HIS A 290 16.47 13.41 3.61
N ILE A 291 16.50 14.48 4.41
CA ILE A 291 16.14 15.82 3.89
C ILE A 291 17.26 16.79 4.21
N ALA A 292 17.52 17.71 3.29
CA ALA A 292 18.39 18.86 3.56
C ALA A 292 17.64 20.12 3.23
N ASP A 293 17.99 21.18 3.97
CA ASP A 293 17.52 22.53 3.71
C ASP A 293 18.30 23.08 2.50
N LYS A 294 17.60 23.38 1.41
CA LYS A 294 18.24 23.74 0.16
C LYS A 294 18.95 25.12 0.29
N LYS A 295 18.21 26.12 0.78
CA LYS A 295 18.67 27.49 0.83
C LYS A 295 19.67 27.73 1.95
N ARG A 296 19.50 27.07 3.09
CA ARG A 296 20.47 27.20 4.19
C ARG A 296 21.59 26.21 4.08
N LYS A 297 21.53 25.32 3.09
CA LYS A 297 22.59 24.35 2.83
C LYS A 297 22.94 23.49 4.04
N LYS A 298 21.95 22.91 4.71
CA LYS A 298 22.19 22.06 5.86
C LYS A 298 21.40 20.77 5.81
N TYR A 299 22.08 19.68 6.15
CA TYR A 299 21.45 18.41 6.44
C TYR A 299 20.57 18.56 7.67
N ILE A 300 19.36 18.02 7.59
CA ILE A 300 18.46 18.00 8.73
C ILE A 300 18.50 16.58 9.32
N ASN A 301 18.78 16.48 10.61
CA ASN A 301 19.02 15.17 11.21
C ASN A 301 17.69 14.54 11.72
N ASN A 302 16.81 14.19 10.79
CA ASN A 302 15.57 13.49 11.07
C ASN A 302 15.73 12.10 10.51
N LYS A 303 15.59 11.09 11.36
CA LYS A 303 15.84 9.69 10.97
C LYS A 303 14.58 8.99 10.40
N TYR A 304 14.22 9.34 9.17
CA TYR A 304 13.07 8.72 8.50
C TYR A 304 13.48 7.31 8.07
N ARG A 305 12.59 6.35 8.34
CA ARG A 305 12.88 4.92 8.13
C ARG A 305 11.64 4.20 7.55
N THR A 306 11.85 3.28 6.63
CA THR A 306 10.76 2.42 6.18
C THR A 306 11.29 1.10 5.67
N SER A 307 10.37 0.25 5.17
CA SER A 307 10.70 -1.08 4.73
C SER A 307 11.49 -1.06 3.42
N PRO A 308 12.12 -2.19 3.05
CA PRO A 308 13.00 -2.19 1.88
C PRO A 308 12.31 -2.07 0.51
N PHE A 309 12.94 -1.26 -0.37
CA PHE A 309 12.57 -1.21 -1.78
C PHE A 309 13.74 -0.70 -2.62
N ASN A 310 13.75 -1.07 -3.90
CA ASN A 310 14.58 -0.40 -4.88
C ASN A 310 13.83 0.90 -5.31
N LEU A 311 14.61 1.92 -5.66
CA LEU A 311 14.09 3.17 -6.22
C LEU A 311 15.01 3.57 -7.36
N PHE A 312 14.42 3.76 -8.55
CA PHE A 312 15.10 4.43 -9.65
C PHE A 312 14.63 5.87 -9.81
N HIS A 313 13.31 6.06 -9.97
CA HIS A 313 12.77 7.37 -10.32
C HIS A 313 11.82 7.94 -9.29
N HIS A 314 12.21 9.09 -8.74
CA HIS A 314 11.27 10.00 -8.10
C HIS A 314 10.31 10.48 -9.20
N ILE A 315 9.05 10.67 -8.85
CA ILE A 315 8.06 11.24 -9.78
C ILE A 315 8.05 12.77 -9.62
N ASN A 316 7.74 13.22 -8.40
CA ASN A 316 7.73 14.63 -8.03
C ASN A 316 7.76 14.72 -6.51
N THR A 317 8.15 15.88 -6.02
CA THR A 317 8.25 16.15 -4.64
C THR A 317 7.68 17.54 -4.41
N TYR A 318 6.96 17.76 -3.31
CA TYR A 318 6.48 19.11 -3.00
C TYR A 318 6.23 19.32 -1.52
N GLU A 319 6.01 20.59 -1.13
CA GLU A 319 5.80 21.00 0.26
C GLU A 319 4.33 21.27 0.45
N ASP A 320 3.79 20.83 1.58
CA ASP A 320 2.39 21.06 1.90
C ASP A 320 2.32 21.23 3.40
N HIS A 321 2.14 22.48 3.84
CA HIS A 321 2.09 22.82 5.28
C HIS A 321 3.22 22.20 6.08
N GLU A 322 4.42 22.27 5.54
CA GLU A 322 5.59 21.69 6.23
C GLU A 322 5.58 20.17 6.47
N PHE A 323 4.99 19.49 5.50
CA PHE A 323 5.24 18.09 5.25
C PHE A 323 5.79 18.09 3.85
N LEU A 324 6.75 17.23 3.60
CA LEU A 324 7.15 16.89 2.25
C LEU A 324 6.39 15.68 1.70
N ILE A 325 5.80 15.86 0.52
CA ILE A 325 5.12 14.85 -0.23
C ILE A 325 6.12 14.30 -1.25
N VAL A 326 6.42 13.00 -1.11
CA VAL A 326 7.47 12.34 -1.84
C VAL A 326 6.85 11.19 -2.65
N ASP A 327 6.59 11.42 -3.93
CA ASP A 327 5.99 10.43 -4.82
C ASP A 327 7.09 9.67 -5.55
N LEU A 328 7.03 8.32 -5.49
CA LEU A 328 8.12 7.43 -5.95
C LEU A 328 7.61 6.25 -6.78
N CYS A 329 8.42 5.81 -7.73
CA CYS A 329 8.26 4.56 -8.43
C CYS A 329 9.10 3.52 -7.68
N CYS A 330 8.45 2.68 -6.87
CA CYS A 330 9.14 1.72 -6.02
C CYS A 330 9.14 0.31 -6.58
N TRP A 331 10.10 -0.48 -6.11
CA TRP A 331 10.14 -1.92 -6.40
C TRP A 331 10.25 -2.63 -5.04
N LYS A 332 9.22 -3.41 -4.69
CA LYS A 332 9.07 -3.97 -3.35
C LYS A 332 9.97 -5.18 -3.17
N GLY A 333 11.05 -5.00 -2.41
CA GLY A 333 12.10 -5.99 -2.23
C GLY A 333 13.46 -5.32 -2.09
N PHE A 334 14.47 -6.09 -1.67
CA PHE A 334 15.84 -5.58 -1.61
C PHE A 334 16.77 -6.13 -2.69
N GLU A 335 16.37 -7.20 -3.37
CA GLU A 335 17.17 -7.71 -4.48
C GLU A 335 17.30 -6.57 -5.52
N PHE A 336 18.47 -6.43 -6.13
CA PHE A 336 18.67 -5.40 -7.15
C PHE A 336 17.86 -5.71 -8.41
N VAL A 337 16.94 -4.82 -8.75
CA VAL A 337 16.08 -5.00 -9.94
C VAL A 337 16.92 -5.17 -11.20
N TYR A 338 18.08 -4.55 -11.24
CA TYR A 338 18.97 -4.65 -12.42
C TYR A 338 19.47 -6.08 -12.72
N ASN A 339 19.40 -7.00 -11.75
CA ASN A 339 19.65 -8.44 -12.03
C ASN A 339 18.72 -9.03 -13.08
N TYR A 340 17.52 -8.48 -13.27
CA TYR A 340 16.56 -9.00 -14.22
C TYR A 340 16.72 -8.39 -15.57
N LEU A 341 17.76 -7.56 -15.79
CA LEU A 341 17.84 -6.77 -17.05
C LEU A 341 19.08 -7.11 -17.95
N TYR A 342 19.60 -8.33 -17.84
CA TYR A 342 20.57 -8.82 -18.79
C TYR A 342 19.89 -9.05 -20.14
N LEU A 343 20.57 -8.72 -21.24
CA LEU A 343 19.95 -8.84 -22.58
C LEU A 343 19.50 -10.27 -22.90
N ALA A 344 20.26 -11.27 -22.43
CA ALA A 344 19.90 -12.67 -22.68
C ALA A 344 18.51 -13.03 -22.13
N ASN A 345 18.17 -12.46 -20.98
CA ASN A 345 16.83 -12.63 -20.40
C ASN A 345 15.76 -11.80 -21.09
N LEU A 346 16.06 -10.54 -21.43
CA LEU A 346 15.09 -9.68 -22.15
C LEU A 346 14.82 -10.15 -23.58
N ARG A 347 15.71 -10.99 -24.09
CA ARG A 347 15.52 -11.58 -25.45
C ARG A 347 14.84 -12.94 -25.48
N GLU A 348 14.56 -13.53 -24.32
CA GLU A 348 13.84 -14.78 -24.26
C GLU A 348 12.42 -14.62 -24.81
N ASN A 349 11.81 -15.75 -25.11
CA ASN A 349 10.40 -15.80 -25.50
C ASN A 349 9.48 -15.46 -24.32
N TRP A 350 8.27 -15.09 -24.65
CA TRP A 350 7.37 -14.43 -23.73
C TRP A 350 7.03 -15.22 -22.46
N GLU A 351 6.78 -16.53 -22.61
CA GLU A 351 6.50 -17.37 -21.44
C GLU A 351 7.68 -17.40 -20.49
N GLU A 352 8.90 -17.42 -21.04
N GLU A 352 8.90 -17.43 -21.04
CA GLU A 352 10.12 -17.41 -20.23
CA GLU A 352 10.12 -17.41 -20.23
C GLU A 352 10.39 -16.04 -19.61
C GLU A 352 10.38 -16.03 -19.60
N VAL A 353 10.06 -14.98 -20.34
CA VAL A 353 10.15 -13.58 -19.80
C VAL A 353 9.25 -13.44 -18.56
N LYS A 354 8.01 -13.92 -18.68
CA LYS A 354 7.09 -13.87 -17.53
C LYS A 354 7.58 -14.70 -16.35
N LYS A 355 8.04 -15.92 -16.62
CA LYS A 355 8.59 -16.83 -15.62
C LYS A 355 9.76 -16.17 -14.85
N ASN A 356 10.70 -15.59 -15.60
CA ASN A 356 11.85 -14.98 -15.00
C ASN A 356 11.52 -13.82 -14.09
N ALA A 357 10.45 -13.10 -14.37
CA ALA A 357 10.07 -11.97 -13.53
C ALA A 357 9.27 -12.31 -12.26
N ARG A 358 8.86 -13.58 -12.11
N ARG A 358 8.85 -13.57 -12.11
CA ARG A 358 7.97 -13.98 -11.01
CA ARG A 358 7.94 -13.95 -11.02
C ARG A 358 8.55 -13.67 -9.63
C ARG A 358 8.51 -13.82 -9.60
N LYS A 359 9.84 -13.91 -9.44
CA LYS A 359 10.51 -13.68 -8.13
C LYS A 359 11.16 -12.30 -7.97
N ALA A 360 11.01 -11.43 -8.96
CA ALA A 360 11.56 -10.08 -8.85
C ALA A 360 10.74 -9.24 -7.86
N PRO A 361 11.33 -8.14 -7.37
CA PRO A 361 10.54 -7.18 -6.63
C PRO A 361 9.35 -6.71 -7.47
N GLN A 362 8.24 -6.42 -6.80
CA GLN A 362 7.01 -5.96 -7.46
C GLN A 362 7.01 -4.41 -7.54
N PRO A 363 6.71 -3.85 -8.71
CA PRO A 363 6.65 -2.41 -8.85
C PRO A 363 5.39 -1.84 -8.16
N GLU A 364 5.51 -0.63 -7.63
CA GLU A 364 4.38 0.05 -6.99
C GLU A 364 4.66 1.54 -6.86
N VAL A 365 3.68 2.36 -7.23
CA VAL A 365 3.77 3.81 -7.03
C VAL A 365 3.31 4.12 -5.62
N ARG A 366 4.18 4.80 -4.88
CA ARG A 366 3.96 5.12 -3.50
C ARG A 366 4.15 6.60 -3.18
N ARG A 367 3.30 7.11 -2.30
CA ARG A 367 3.42 8.47 -1.76
C ARG A 367 3.86 8.37 -0.31
N TYR A 368 5.06 8.88 -0.01
CA TYR A 368 5.51 9.02 1.37
C TYR A 368 5.36 10.46 1.84
N VAL A 369 5.07 10.64 3.12
CA VAL A 369 4.85 11.97 3.67
C VAL A 369 5.74 12.19 4.87
N LEU A 370 6.64 13.17 4.74
CA LEU A 370 7.72 13.39 5.73
C LEU A 370 7.43 14.65 6.58
N PRO A 371 7.10 14.48 7.88
CA PRO A 371 6.93 15.70 8.68
C PRO A 371 8.26 16.48 8.91
N LEU A 372 8.18 17.80 8.78
CA LEU A 372 9.31 18.67 9.11
C LEU A 372 9.31 19.13 10.57
N ASN A 373 8.15 19.28 11.18
CA ASN A 373 8.06 19.64 12.61
C ASN A 373 7.77 18.41 13.49
N ILE A 374 8.81 17.91 14.16
CA ILE A 374 8.74 16.73 15.04
C ILE A 374 8.69 17.19 16.51
N ASP A 375 7.51 17.11 17.13
CA ASP A 375 7.37 17.34 18.60
C ASP A 375 7.55 16.03 19.39
N LYS A 376 8.52 15.98 20.29
CA LYS A 376 8.75 14.84 21.21
C LYS A 376 7.53 14.41 21.98
N ALA A 377 6.67 15.37 22.34
CA ALA A 377 5.40 15.08 22.99
C ALA A 377 4.49 14.15 22.17
N ASP A 378 4.69 14.08 20.85
CA ASP A 378 3.95 13.12 20.01
C ASP A 378 4.61 11.77 19.86
N THR A 379 5.59 11.44 20.71
CA THR A 379 6.21 10.13 20.66
C THR A 379 5.17 8.99 20.70
N GLY A 380 5.30 8.05 19.76
CA GLY A 380 4.39 6.91 19.65
C GLY A 380 3.17 7.11 18.74
N LYS A 381 2.99 8.34 18.25
CA LYS A 381 1.84 8.69 17.44
C LYS A 381 2.21 8.97 15.98
N ASN A 382 1.17 9.08 15.16
CA ASN A 382 1.26 9.38 13.73
C ASN A 382 1.31 10.88 13.57
N LEU A 383 2.40 11.39 12.99
CA LEU A 383 2.62 12.82 12.83
C LEU A 383 1.98 13.42 11.64
N VAL A 384 1.52 12.59 10.70
CA VAL A 384 0.94 13.07 9.44
C VAL A 384 -0.54 13.45 9.62
N THR A 385 -0.71 14.70 10.03
CA THR A 385 -1.99 15.27 10.36
C THR A 385 -2.66 15.94 9.15
N LEU A 386 -2.04 15.90 7.96
CA LEU A 386 -2.72 16.35 6.74
C LEU A 386 -4.02 15.58 6.52
N PRO A 387 -5.03 16.23 5.89
CA PRO A 387 -6.39 15.64 5.77
C PRO A 387 -6.68 14.74 4.56
N ASN A 388 -5.83 14.80 3.55
CA ASN A 388 -6.05 14.15 2.27
C ASN A 388 -5.07 13.01 1.97
N THR A 389 -4.45 12.40 2.98
CA THR A 389 -3.52 11.29 2.75
C THR A 389 -3.74 10.16 3.77
N THR A 390 -3.41 8.93 3.39
CA THR A 390 -3.31 7.81 4.35
C THR A 390 -1.89 7.45 4.72
N ALA A 391 -0.91 8.19 4.20
CA ALA A 391 0.48 7.99 4.61
C ALA A 391 0.65 8.34 6.11
N THR A 392 1.55 7.65 6.77
CA THR A 392 1.81 7.85 8.17
C THR A 392 3.31 7.97 8.46
N ALA A 393 3.61 8.55 9.62
CA ALA A 393 4.98 8.69 10.09
C ALA A 393 4.95 8.60 11.62
N ILE A 394 5.45 7.49 12.16
CA ILE A 394 5.40 7.23 13.58
C ILE A 394 6.69 7.64 14.26
N LEU A 395 6.61 8.59 15.18
CA LEU A 395 7.77 8.93 16.01
C LEU A 395 8.07 7.87 17.09
N CYS A 396 9.20 7.22 16.99
CA CYS A 396 9.62 6.23 17.96
C CYS A 396 10.43 6.88 19.09
N SER A 397 10.63 6.13 20.17
CA SER A 397 11.38 6.59 21.34
C SER A 397 12.85 6.77 21.08
N ASP A 398 13.42 5.98 20.20
CA ASP A 398 14.78 6.22 19.73
C ASP A 398 14.86 7.36 18.72
N GLU A 399 13.75 8.05 18.45
CA GLU A 399 13.68 9.16 17.49
C GLU A 399 13.78 8.78 16.00
N THR A 400 13.75 7.50 15.66
CA THR A 400 13.47 7.12 14.28
C THR A 400 12.00 7.53 14.00
N ILE A 401 11.72 7.84 12.74
CA ILE A 401 10.38 8.18 12.30
C ILE A 401 9.98 7.15 11.25
N TRP A 402 9.16 6.17 11.66
CA TRP A 402 8.84 5.02 10.81
C TRP A 402 7.72 5.42 9.85
N LEU A 403 7.90 5.24 8.55
CA LEU A 403 6.91 5.69 7.55
C LEU A 403 6.13 4.57 6.90
N GLU A 404 4.85 4.83 6.60
CA GLU A 404 4.09 3.93 5.74
C GLU A 404 3.59 4.73 4.58
N PRO A 405 3.52 4.12 3.40
CA PRO A 405 3.08 4.85 2.23
C PRO A 405 1.58 4.82 2.02
N GLU A 406 1.15 5.77 1.22
CA GLU A 406 -0.11 5.71 0.49
C GLU A 406 0.17 5.19 -0.91
N VAL A 407 -0.41 4.06 -1.25
CA VAL A 407 -0.19 3.44 -2.56
C VAL A 407 -1.08 4.18 -3.58
N LEU A 408 -0.47 4.66 -4.66
CA LEU A 408 -1.18 5.39 -5.69
C LEU A 408 -1.52 4.49 -6.89
N PHE A 409 -0.71 3.45 -7.12
CA PHE A 409 -0.93 2.51 -8.21
C PHE A 409 -0.16 1.24 -7.95
N SER A 410 -0.80 0.09 -8.22
CA SER A 410 -0.20 -1.23 -8.04
C SER A 410 -0.86 -2.24 -8.95
N GLY A 411 -0.09 -2.91 -9.80
CA GLY A 411 -0.60 -3.98 -10.66
C GLY A 411 0.45 -5.09 -10.74
N PRO A 412 0.03 -6.37 -10.90
CA PRO A 412 0.97 -7.52 -10.82
C PRO A 412 2.03 -7.57 -11.90
N ARG A 413 3.27 -7.27 -11.53
CA ARG A 413 4.37 -7.10 -12.51
C ARG A 413 4.07 -6.06 -13.61
N GLN A 414 3.19 -5.12 -13.28
CA GLN A 414 2.76 -4.04 -14.18
C GLN A 414 3.33 -2.76 -13.55
N ALA A 415 4.50 -2.33 -14.02
CA ALA A 415 5.17 -1.15 -13.48
C ALA A 415 4.74 0.14 -14.18
N PHE A 416 4.32 1.14 -13.42
CA PHE A 416 4.21 2.51 -13.92
C PHE A 416 5.60 3.07 -13.68
N GLU A 417 6.40 3.19 -14.76
CA GLU A 417 7.81 3.57 -14.67
C GLU A 417 8.10 4.71 -15.64
N PHE A 418 9.37 5.13 -15.67
CA PHE A 418 9.84 6.28 -16.47
C PHE A 418 8.88 7.46 -16.33
N PRO A 419 8.60 7.87 -15.09
CA PRO A 419 7.61 8.89 -14.88
C PRO A 419 8.06 10.26 -15.44
N GLN A 420 7.07 11.03 -15.87
CA GLN A 420 7.26 12.40 -16.29
C GLN A 420 6.04 13.20 -15.86
N ILE A 421 6.25 14.48 -15.60
CA ILE A 421 5.17 15.40 -15.23
C ILE A 421 5.28 16.65 -16.11
N ASN A 422 4.37 17.61 -15.95
CA ASN A 422 4.53 18.96 -16.52
C ASN A 422 5.57 19.65 -15.69
N TYR A 423 6.82 19.36 -16.02
CA TYR A 423 7.95 19.67 -15.10
C TYR A 423 8.21 21.18 -14.93
N GLN A 424 8.15 21.91 -16.03
CA GLN A 424 8.52 23.35 -15.99
C GLN A 424 7.63 24.19 -15.11
N LYS A 425 6.34 23.85 -15.03
N LYS A 425 6.35 23.84 -15.03
CA LYS A 425 5.41 24.59 -14.18
CA LYS A 425 5.39 24.56 -14.20
C LYS A 425 4.94 23.86 -12.92
C LYS A 425 5.16 23.89 -12.84
N TYR A 426 5.21 22.56 -12.78
CA TYR A 426 4.84 21.79 -11.53
C TYR A 426 5.92 20.99 -10.81
N GLY A 427 7.12 20.94 -11.38
CA GLY A 427 8.26 20.33 -10.71
C GLY A 427 8.52 21.03 -9.38
N GLY A 428 8.64 20.25 -8.32
CA GLY A 428 8.82 20.77 -6.99
C GLY A 428 7.57 21.34 -6.35
N LYS A 429 6.42 21.21 -7.01
CA LYS A 429 5.20 21.92 -6.61
C LYS A 429 3.99 20.99 -6.48
N PRO A 430 2.96 21.43 -5.74
CA PRO A 430 1.70 20.68 -5.75
C PRO A 430 1.27 20.36 -7.17
N TYR A 431 0.82 19.13 -7.40
CA TYR A 431 0.51 18.66 -8.75
C TYR A 431 -0.53 17.56 -8.68
N THR A 432 -1.06 17.20 -9.84
CA THR A 432 -2.13 16.24 -9.98
C THR A 432 -1.82 15.08 -10.92
N TYR A 433 -0.99 15.30 -11.95
CA TYR A 433 -0.84 14.31 -13.02
C TYR A 433 0.59 13.83 -13.24
N ALA A 434 0.72 12.51 -13.41
CA ALA A 434 1.96 11.90 -13.87
C ALA A 434 1.70 11.03 -15.09
N TYR A 435 2.68 10.99 -15.99
CA TYR A 435 2.66 10.14 -17.18
C TYR A 435 3.80 9.11 -17.02
N GLY A 436 3.62 7.94 -17.56
CA GLY A 436 4.59 6.88 -17.40
C GLY A 436 4.58 5.89 -18.54
N LEU A 437 5.67 5.14 -18.60
CA LEU A 437 5.76 3.98 -19.46
C LEU A 437 5.35 2.75 -18.64
N GLY A 438 4.39 2.00 -19.15
CA GLY A 438 3.97 0.78 -18.48
C GLY A 438 4.80 -0.42 -18.89
N LEU A 439 5.42 -1.08 -17.90
CA LEU A 439 6.15 -2.31 -18.13
C LEU A 439 5.33 -3.53 -17.73
N ASN A 440 5.37 -4.57 -18.54
CA ASN A 440 4.65 -5.83 -18.36
C ASN A 440 5.68 -6.93 -18.24
N HIS A 441 5.97 -7.33 -17.01
CA HIS A 441 7.11 -8.24 -16.73
C HIS A 441 8.39 -7.72 -17.41
N PHE A 442 8.63 -6.42 -17.23
CA PHE A 442 9.80 -5.66 -17.72
C PHE A 442 9.73 -5.23 -19.19
N VAL A 443 8.74 -5.71 -19.95
CA VAL A 443 8.57 -5.37 -21.36
C VAL A 443 7.69 -4.15 -21.48
N PRO A 444 8.19 -3.09 -22.16
CA PRO A 444 7.40 -1.88 -22.28
C PRO A 444 6.29 -2.04 -23.28
N ASP A 445 5.04 -1.94 -22.87
CA ASP A 445 3.94 -2.19 -23.79
C ASP A 445 2.75 -1.26 -23.76
N ARG A 446 2.85 -0.13 -23.07
CA ARG A 446 1.74 0.83 -22.99
C ARG A 446 2.20 2.13 -22.43
N LEU A 447 1.38 3.15 -22.61
CA LEU A 447 1.56 4.42 -21.98
C LEU A 447 0.46 4.67 -20.98
N CYS A 448 0.81 5.34 -19.87
CA CYS A 448 -0.09 5.51 -18.75
C CYS A 448 -0.15 6.93 -18.24
N LYS A 449 -1.31 7.30 -17.69
CA LYS A 449 -1.46 8.57 -16.99
C LYS A 449 -2.14 8.25 -15.67
N LEU A 450 -1.68 8.91 -14.60
CA LEU A 450 -2.15 8.68 -13.27
C LEU A 450 -2.50 10.03 -12.68
N ASN A 451 -3.71 10.13 -12.12
CA ASN A 451 -4.10 11.26 -11.34
C ASN A 451 -3.69 10.87 -9.91
N VAL A 452 -2.70 11.56 -9.36
CA VAL A 452 -2.19 11.23 -8.03
C VAL A 452 -3.11 11.58 -6.86
N LYS A 453 -4.12 12.41 -7.07
CA LYS A 453 -5.15 12.69 -6.05
C LYS A 453 -6.30 11.68 -6.01
N THR A 454 -6.81 11.28 -7.18
CA THR A 454 -7.95 10.37 -7.26
C THR A 454 -7.55 8.92 -7.52
N LYS A 455 -6.31 8.68 -7.95
CA LYS A 455 -5.84 7.35 -8.36
C LYS A 455 -6.45 6.80 -9.66
N GLU A 456 -7.19 7.63 -10.37
CA GLU A 456 -7.63 7.29 -11.74
C GLU A 456 -6.44 7.09 -12.67
N THR A 457 -6.57 6.13 -13.58
CA THR A 457 -5.57 5.90 -14.59
C THR A 457 -6.19 5.89 -15.98
N TRP A 458 -5.36 6.18 -16.98
CA TRP A 458 -5.68 6.11 -18.40
C TRP A 458 -4.55 5.32 -19.05
N VAL A 459 -4.90 4.50 -20.03
CA VAL A 459 -3.92 3.67 -20.74
C VAL A 459 -4.08 3.82 -22.26
N TRP A 460 -2.94 3.89 -22.94
CA TRP A 460 -2.86 3.76 -24.38
C TRP A 460 -2.03 2.51 -24.70
N GLN A 461 -2.53 1.69 -25.62
CA GLN A 461 -1.84 0.44 -25.92
C GLN A 461 -2.34 -0.13 -27.24
N GLU A 462 -1.41 -0.57 -28.09
CA GLU A 462 -1.73 -1.42 -29.23
C GLU A 462 -0.95 -2.71 -29.18
N PRO A 463 -1.50 -3.79 -29.82
CA PRO A 463 -0.80 -5.08 -29.89
C PRO A 463 0.59 -4.94 -30.51
N ASP A 464 1.55 -5.71 -30.02
CA ASP A 464 2.89 -5.76 -30.63
C ASP A 464 3.56 -4.37 -30.81
N SER A 465 3.34 -3.48 -29.84
CA SER A 465 3.88 -2.14 -29.88
C SER A 465 4.56 -1.77 -28.57
N TYR A 466 5.82 -1.36 -28.68
CA TYR A 466 6.73 -1.20 -27.54
C TYR A 466 7.13 0.26 -27.40
N PRO A 467 6.39 1.05 -26.57
CA PRO A 467 6.65 2.48 -26.44
C PRO A 467 7.86 2.83 -25.57
N SER A 468 8.23 4.11 -25.59
CA SER A 468 9.28 4.67 -24.73
C SER A 468 8.63 5.57 -23.70
N GLU A 469 9.45 6.00 -22.73
CA GLU A 469 9.05 7.03 -21.77
C GLU A 469 8.30 8.11 -22.50
N PRO A 470 7.14 8.54 -21.99
CA PRO A 470 6.37 9.64 -22.61
C PRO A 470 6.89 10.97 -22.08
N ILE A 471 7.05 11.97 -22.94
CA ILE A 471 7.47 13.29 -22.50
C ILE A 471 6.36 14.29 -22.72
N PHE A 472 6.09 15.12 -21.70
CA PHE A 472 4.95 16.06 -21.74
C PHE A 472 5.36 17.35 -22.39
N VAL A 473 4.55 17.88 -23.30
CA VAL A 473 4.78 19.23 -23.86
C VAL A 473 3.50 20.03 -23.71
N SER A 474 3.61 21.13 -22.97
CA SER A 474 2.48 21.99 -22.68
C SER A 474 2.10 22.73 -23.94
N HIS A 475 0.81 22.99 -24.15
CA HIS A 475 0.43 24.06 -25.06
C HIS A 475 1.12 25.32 -24.49
N PRO A 476 1.74 26.16 -25.35
CA PRO A 476 2.51 27.32 -24.79
C PRO A 476 1.69 28.29 -23.90
N ASP A 477 0.41 28.41 -24.20
CA ASP A 477 -0.55 29.26 -23.45
C ASP A 477 -1.45 28.52 -22.47
N ALA A 478 -1.11 27.28 -22.11
CA ALA A 478 -1.88 26.51 -21.15
C ALA A 478 -1.94 27.21 -19.79
N LEU A 479 -3.13 27.21 -19.21
CA LEU A 479 -3.30 27.52 -17.79
C LEU A 479 -3.51 26.25 -16.94
N GLU A 480 -4.05 25.18 -17.52
CA GLU A 480 -4.20 23.90 -16.80
C GLU A 480 -2.92 23.05 -16.86
N GLU A 481 -2.88 22.05 -15.98
CA GLU A 481 -1.68 21.23 -15.80
C GLU A 481 -1.42 20.23 -16.94
N ASP A 482 -2.50 19.63 -17.45
CA ASP A 482 -2.45 18.62 -18.50
C ASP A 482 -2.97 19.07 -19.86
N ASP A 483 -2.89 20.38 -20.13
CA ASP A 483 -3.24 20.96 -21.42
C ASP A 483 -2.06 20.92 -22.34
N GLY A 484 -1.94 19.82 -23.07
CA GLY A 484 -0.75 19.58 -23.89
C GLY A 484 -0.77 18.22 -24.56
N VAL A 485 0.41 17.76 -24.92
CA VAL A 485 0.55 16.41 -25.50
C VAL A 485 1.66 15.63 -24.81
N VAL A 486 1.65 14.31 -24.96
CA VAL A 486 2.84 13.51 -24.68
C VAL A 486 3.39 12.91 -25.99
N LEU A 487 4.71 12.84 -26.08
CA LEU A 487 5.40 12.24 -27.21
C LEU A 487 6.08 10.96 -26.73
N SER A 488 6.01 9.91 -27.52
CA SER A 488 6.67 8.63 -27.21
C SER A 488 7.16 8.04 -28.51
N VAL A 489 8.31 7.36 -28.45
CA VAL A 489 8.84 6.63 -29.62
C VAL A 489 8.39 5.18 -29.45
N VAL A 490 7.71 4.67 -30.48
CA VAL A 490 7.10 3.33 -30.43
C VAL A 490 7.73 2.41 -31.49
N VAL A 491 8.17 1.25 -31.04
CA VAL A 491 8.74 0.24 -31.89
C VAL A 491 7.59 -0.73 -32.22
N SER A 492 7.32 -0.94 -33.51
CA SER A 492 6.18 -1.69 -34.00
C SER A 492 6.61 -2.73 -35.04
N PRO A 493 7.25 -3.81 -34.60
CA PRO A 493 7.87 -4.74 -35.53
C PRO A 493 6.92 -5.66 -36.30
N GLY A 494 5.61 -5.61 -36.07
CA GLY A 494 4.70 -6.41 -36.86
C GLY A 494 4.77 -6.05 -38.33
N ALA A 495 4.97 -7.05 -39.20
CA ALA A 495 4.89 -6.87 -40.66
C ALA A 495 3.49 -6.34 -41.02
N GLY A 496 3.42 -5.53 -42.08
CA GLY A 496 2.23 -4.69 -42.32
C GLY A 496 2.13 -3.45 -41.40
N GLN A 497 3.29 -3.03 -40.89
CA GLN A 497 3.45 -1.72 -40.26
C GLN A 497 4.88 -1.32 -40.57
N LYS A 498 5.18 -0.02 -40.60
CA LYS A 498 6.59 0.37 -40.64
C LYS A 498 7.29 -0.05 -39.31
N PRO A 499 8.61 -0.05 -39.26
CA PRO A 499 9.24 -0.57 -38.03
C PRO A 499 9.05 0.24 -36.72
N ALA A 500 8.81 1.52 -36.85
CA ALA A 500 8.72 2.42 -35.70
C ALA A 500 8.02 3.72 -36.02
N TYR A 501 7.61 4.45 -34.98
CA TYR A 501 6.97 5.73 -35.17
C TYR A 501 7.02 6.60 -33.95
N LEU A 502 6.91 7.90 -34.19
CA LEU A 502 6.71 8.86 -33.15
C LEU A 502 5.21 8.99 -32.89
N LEU A 503 4.81 8.77 -31.64
CA LEU A 503 3.39 8.82 -31.24
C LEU A 503 3.12 10.13 -30.50
N ILE A 504 2.04 10.82 -30.85
CA ILE A 504 1.58 11.99 -30.11
C ILE A 504 0.17 11.71 -29.55
N LEU A 505 0.05 11.77 -28.21
CA LEU A 505 -1.20 11.59 -27.52
C LEU A 505 -1.64 12.90 -26.88
N ASN A 506 -2.94 13.09 -26.79
CA ASN A 506 -3.49 14.20 -26.02
C ASN A 506 -3.32 13.88 -24.52
N ALA A 507 -2.67 14.77 -23.81
CA ALA A 507 -2.42 14.59 -22.39
C ALA A 507 -3.67 14.51 -21.50
N LYS A 508 -4.79 15.06 -21.94
CA LYS A 508 -6.06 14.98 -21.18
C LYS A 508 -6.50 13.56 -20.92
N ASP A 509 -6.58 12.78 -21.98
CA ASP A 509 -7.14 11.41 -21.92
C ASP A 509 -6.32 10.36 -22.63
N LEU A 510 -5.09 10.67 -23.02
CA LEU A 510 -4.25 9.75 -23.79
C LEU A 510 -4.85 9.23 -25.10
N SER A 511 -5.71 10.01 -25.74
CA SER A 511 -6.20 9.68 -27.07
C SER A 511 -5.17 10.14 -28.12
N GLU A 512 -5.07 9.38 -29.19
CA GLU A 512 -4.10 9.64 -30.23
C GLU A 512 -4.48 10.89 -31.01
N VAL A 513 -3.47 11.69 -31.28
CA VAL A 513 -3.58 12.90 -32.08
C VAL A 513 -2.92 12.67 -33.44
N ALA A 514 -1.73 12.07 -33.44
CA ALA A 514 -1.03 11.76 -34.68
C ALA A 514 0.02 10.71 -34.43
N ARG A 515 0.49 10.12 -35.53
CA ARG A 515 1.76 9.41 -35.51
C ARG A 515 2.56 9.69 -36.76
N ALA A 516 3.89 9.59 -36.61
CA ALA A 516 4.85 9.89 -37.65
C ALA A 516 5.77 8.67 -37.81
N GLU A 517 5.55 7.92 -38.89
CA GLU A 517 6.23 6.63 -39.11
C GLU A 517 7.56 6.77 -39.82
N VAL A 518 8.54 5.98 -39.36
CA VAL A 518 9.84 5.93 -40.03
C VAL A 518 10.08 4.53 -40.58
N GLU A 519 10.95 4.45 -41.58
CA GLU A 519 11.17 3.21 -42.34
C GLU A 519 12.27 2.32 -41.80
N ILE A 520 12.87 2.69 -40.66
CA ILE A 520 13.94 1.93 -40.04
C ILE A 520 13.61 1.59 -38.57
N ASN A 521 14.26 0.54 -38.06
CA ASN A 521 14.13 0.16 -36.67
C ASN A 521 14.76 1.23 -35.75
N ILE A 522 14.23 1.27 -34.52
CA ILE A 522 14.75 2.12 -33.45
C ILE A 522 14.87 1.23 -32.19
N PRO A 523 16.04 1.17 -31.57
CA PRO A 523 16.08 0.39 -30.35
C PRO A 523 15.48 1.12 -29.13
N VAL A 524 15.50 0.44 -28.00
CA VAL A 524 15.10 1.01 -26.74
C VAL A 524 15.81 2.36 -26.53
N THR A 525 15.04 3.36 -26.07
CA THR A 525 15.58 4.59 -25.49
C THR A 525 15.12 4.76 -24.05
N PHE A 526 16.00 5.35 -23.23
CA PHE A 526 15.76 5.54 -21.81
C PHE A 526 15.09 6.86 -21.47
N HIS A 527 15.84 7.96 -21.58
CA HIS A 527 15.33 9.27 -21.21
C HIS A 527 15.67 10.33 -22.25
N GLY A 528 15.08 11.50 -22.05
CA GLY A 528 15.31 12.61 -22.96
C GLY A 528 14.55 13.84 -22.60
N LEU A 529 14.39 14.75 -23.56
CA LEU A 529 13.72 16.03 -23.32
C LEU A 529 13.18 16.57 -24.63
N PHE A 530 12.25 17.50 -24.51
CA PHE A 530 11.77 18.27 -25.65
C PHE A 530 12.43 19.64 -25.57
N LYS A 531 13.10 20.04 -26.64
CA LYS A 531 13.80 21.31 -26.76
C LYS A 531 12.95 22.21 -27.65
N LYS A 532 12.31 23.19 -27.06
CA LYS A 532 11.50 24.15 -27.81
C LYS A 532 12.39 25.01 -28.68
N SER A 533 11.94 25.27 -29.90
CA SER A 533 12.55 26.29 -30.73
C SER A 533 11.43 27.13 -31.30
C ACE B 1 -15.45 4.61 0.85
O ACE B 1 -15.83 4.29 1.95
CH3 ACE B 1 -15.40 3.57 -0.27
N SER B 2 -15.07 5.84 0.51
CA SER B 2 -14.97 6.98 1.46
C SER B 2 -16.34 7.66 1.65
N SER B 3 -16.46 8.39 2.77
CA SER B 3 -17.62 9.21 3.04
C SER B 3 -17.60 10.51 2.19
N GLN B 4 -18.78 11.02 1.87
CA GLN B 4 -18.93 12.31 1.21
C GLN B 4 -19.73 13.29 2.08
N VAL B 5 -19.68 13.08 3.41
CA VAL B 5 -20.58 13.73 4.34
C VAL B 5 -19.82 14.17 5.61
N GLU B 6 -20.12 15.39 6.06
CA GLU B 6 -19.73 15.93 7.35
C GLU B 6 -20.90 15.77 8.31
N HIS B 7 -20.64 15.94 9.60
CA HIS B 7 -21.62 15.73 10.68
C HIS B 7 -21.70 16.90 11.71
N PRO B 8 -21.80 18.15 11.22
CA PRO B 8 -21.85 19.30 12.16
C PRO B 8 -22.98 19.22 13.20
N ALA B 9 -24.13 18.64 12.84
CA ALA B 9 -25.25 18.49 13.79
C ALA B 9 -25.01 17.54 14.96
N GLY B 10 -23.92 16.77 14.96
CA GLY B 10 -23.53 15.89 16.08
C GLY B 10 -24.48 14.73 16.41
N GLY B 11 -25.31 14.31 15.45
CA GLY B 11 -26.31 13.26 15.69
C GLY B 11 -25.78 11.89 16.12
N TYR B 12 -24.51 11.64 15.78
CA TYR B 12 -23.79 10.41 16.18
C TYR B 12 -23.75 10.22 17.71
N LYS B 13 -23.98 11.29 18.48
CA LYS B 13 -24.04 11.18 19.96
C LYS B 13 -25.17 10.27 20.44
N LYS B 14 -26.23 10.16 19.65
CA LYS B 14 -27.30 9.20 19.93
C LYS B 14 -26.85 7.71 19.95
N LEU B 15 -25.73 7.40 19.31
CA LEU B 15 -25.14 6.06 19.38
C LEU B 15 -24.74 5.69 20.80
N PHE B 16 -24.47 6.69 21.65
CA PHE B 16 -23.92 6.48 22.99
C PHE B 16 -24.83 6.99 24.11
N GLU B 17 -26.12 6.97 23.87
CA GLU B 17 -27.10 7.40 24.83
C GLU B 17 -27.91 6.18 25.31
N THR B 18 -27.98 6.04 26.63
CA THR B 18 -28.78 5.03 27.28
C THR B 18 -30.18 4.88 26.68
N VAL B 19 -30.64 3.64 26.55
CA VAL B 19 -32.05 3.34 26.16
C VAL B 19 -32.70 2.40 27.16
N GLU B 20 -34.02 2.31 27.08
CA GLU B 20 -34.76 1.33 27.86
C GLU B 20 -35.00 0.07 27.03
N GLU B 21 -35.06 -1.08 27.70
CA GLU B 21 -35.49 -2.31 27.06
C GLU B 21 -37.00 -2.33 26.83
N LEU B 22 -37.45 -3.29 26.04
CA LEU B 22 -38.88 -3.45 25.75
C LEU B 22 -39.43 -4.66 26.45
N SER B 23 -40.71 -4.66 26.78
CA SER B 23 -41.31 -5.85 27.41
C SER B 23 -41.84 -6.80 26.37
N SER B 24 -42.12 -6.32 25.17
CA SER B 24 -42.40 -7.20 24.04
C SER B 24 -42.09 -6.51 22.71
N PRO B 25 -42.10 -7.25 21.59
CA PRO B 25 -41.68 -6.62 20.31
C PRO B 25 -42.57 -5.48 19.79
N LEU B 26 -41.97 -4.53 19.08
CA LEU B 26 -42.66 -3.46 18.36
C LEU B 26 -42.81 -3.83 16.89
N THR B 27 -43.83 -3.32 16.24
CA THR B 27 -43.89 -3.29 14.79
C THR B 27 -42.91 -2.27 14.24
N ALA B 28 -42.18 -2.68 13.20
CA ALA B 28 -41.30 -1.79 12.45
C ALA B 28 -41.99 -1.47 11.14
N HIS B 29 -42.09 -0.18 10.84
CA HIS B 29 -42.96 0.28 9.77
C HIS B 29 -42.16 0.27 8.46
N VAL B 30 -42.62 -0.56 7.52
CA VAL B 30 -41.89 -0.85 6.27
C VAL B 30 -42.15 0.16 5.18
N THR B 31 -41.09 0.69 4.57
CA THR B 31 -41.19 1.32 3.22
C THR B 31 -40.30 0.56 2.24
N GLY B 32 -40.74 0.43 0.98
CA GLY B 32 -40.15 -0.49 0.01
C GLY B 32 -40.68 -1.90 0.25
N ARG B 33 -39.90 -2.92 -0.10
CA ARG B 33 -40.33 -4.30 0.01
C ARG B 33 -39.31 -5.20 0.73
N ILE B 34 -39.73 -5.73 1.87
CA ILE B 34 -38.91 -6.72 2.57
C ILE B 34 -38.96 -7.97 1.72
N PRO B 35 -37.81 -8.56 1.30
CA PRO B 35 -37.87 -9.79 0.48
C PRO B 35 -38.65 -10.89 1.19
N LEU B 36 -39.47 -11.61 0.42
CA LEU B 36 -40.38 -12.60 0.97
C LEU B 36 -39.66 -13.87 1.34
N TRP B 37 -38.50 -14.10 0.76
CA TRP B 37 -37.61 -15.21 1.18
C TRP B 37 -36.81 -14.95 2.48
N LEU B 38 -36.87 -13.74 3.01
CA LEU B 38 -36.16 -13.39 4.25
C LEU B 38 -37.00 -13.78 5.49
N THR B 39 -36.59 -14.85 6.15
CA THR B 39 -37.37 -15.43 7.26
C THR B 39 -36.41 -15.84 8.39
N GLY B 40 -36.49 -15.15 9.52
CA GLY B 40 -35.55 -15.37 10.61
C GLY B 40 -35.34 -14.12 11.43
N SER B 41 -34.22 -14.08 12.14
CA SER B 41 -33.95 -13.07 13.15
C SER B 41 -32.56 -12.50 12.96
N LEU B 42 -32.46 -11.17 12.92
CA LEU B 42 -31.17 -10.52 12.99
C LEU B 42 -30.92 -10.24 14.47
N LEU B 43 -29.89 -10.88 15.02
CA LEU B 43 -29.51 -10.73 16.44
C LEU B 43 -28.21 -9.97 16.51
N ARG B 44 -28.17 -8.91 17.33
CA ARG B 44 -26.99 -8.04 17.46
C ARG B 44 -26.81 -7.63 18.91
N CYS B 45 -25.55 -7.39 19.28
CA CYS B 45 -25.21 -6.93 20.62
C CYS B 45 -24.51 -5.59 20.58
N GLY B 46 -24.76 -4.81 21.63
CA GLY B 46 -24.08 -3.57 21.85
C GLY B 46 -24.29 -3.09 23.28
N PRO B 47 -23.64 -1.98 23.64
CA PRO B 47 -23.91 -1.31 24.94
C PRO B 47 -25.27 -0.61 24.88
N GLY B 48 -26.01 -0.69 25.97
CA GLY B 48 -27.31 -0.03 26.08
C GLY B 48 -27.49 0.92 27.26
N LEU B 49 -26.63 0.78 28.28
CA LEU B 49 -26.71 1.56 29.51
C LEU B 49 -25.32 2.15 29.82
N PHE B 50 -25.19 3.46 29.66
CA PHE B 50 -23.87 4.09 29.64
C PHE B 50 -23.51 4.78 30.94
N GLU B 51 -24.41 4.62 31.91
CA GLU B 51 -24.18 5.02 33.29
C GLU B 51 -25.08 4.23 34.26
N VAL B 52 -24.65 4.14 35.51
CA VAL B 52 -25.46 3.57 36.57
C VAL B 52 -25.68 4.69 37.58
N GLY B 53 -26.86 5.29 37.52
CA GLY B 53 -27.19 6.43 38.34
C GLY B 53 -26.38 7.63 37.86
N SER B 54 -25.54 8.14 38.74
CA SER B 54 -24.63 9.23 38.43
C SER B 54 -23.19 8.73 38.20
N GLU B 55 -22.94 7.43 38.26
CA GLU B 55 -21.61 6.87 37.96
C GLU B 55 -21.54 6.54 36.46
N PRO B 56 -20.63 7.22 35.73
CA PRO B 56 -20.54 7.03 34.28
C PRO B 56 -19.63 5.86 33.89
N PHE B 57 -19.98 5.19 32.81
CA PHE B 57 -19.01 4.35 32.11
C PHE B 57 -18.14 5.25 31.19
N TYR B 58 -16.85 4.95 31.06
CA TYR B 58 -15.94 5.87 30.28
C TYR B 58 -15.63 5.47 28.84
N HIS B 59 -15.57 4.17 28.56
CA HIS B 59 -15.13 3.67 27.27
C HIS B 59 -16.27 3.11 26.44
N LEU B 60 -16.07 3.16 25.13
CA LEU B 60 -16.98 2.54 24.18
C LEU B 60 -17.37 1.08 24.51
N PHE B 61 -16.49 0.31 25.14
CA PHE B 61 -16.71 -1.10 25.38
C PHE B 61 -17.15 -1.41 26.83
N ASP B 62 -17.73 -0.41 27.52
CA ASP B 62 -18.09 -0.50 28.95
C ASP B 62 -19.59 -0.55 29.25
N GLY B 63 -20.40 0.09 28.43
CA GLY B 63 -21.82 0.09 28.64
C GLY B 63 -22.44 -1.30 28.68
N GLN B 64 -23.56 -1.44 29.38
CA GLN B 64 -24.08 -2.76 29.69
C GLN B 64 -24.75 -3.44 28.49
N ALA B 65 -24.37 -4.70 28.26
CA ALA B 65 -24.85 -5.46 27.12
C ALA B 65 -26.34 -5.42 26.97
N LEU B 66 -26.73 -5.08 25.73
CA LEU B 66 -28.11 -5.06 25.23
C LEU B 66 -28.20 -5.97 23.99
N LEU B 67 -29.12 -6.92 24.03
CA LEU B 67 -29.36 -7.87 22.93
C LEU B 67 -30.59 -7.43 22.13
N HIS B 68 -30.38 -7.25 20.82
CA HIS B 68 -31.37 -6.73 19.89
C HIS B 68 -31.83 -7.79 18.92
N LYS B 69 -33.09 -7.73 18.51
CA LYS B 69 -33.62 -8.68 17.53
C LYS B 69 -34.58 -8.02 16.59
N PHE B 70 -34.29 -8.14 15.28
CA PHE B 70 -35.27 -7.86 14.24
C PHE B 70 -35.74 -9.17 13.67
N ASP B 71 -37.08 -9.34 13.60
CA ASP B 71 -37.67 -10.57 13.08
C ASP B 71 -38.33 -10.28 11.75
N PHE B 72 -38.14 -11.19 10.80
CA PHE B 72 -38.61 -11.04 9.44
C PHE B 72 -39.50 -12.22 9.09
N LYS B 73 -40.73 -11.94 8.67
CA LYS B 73 -41.64 -12.97 8.19
C LYS B 73 -42.67 -12.39 7.24
N GLU B 74 -42.77 -12.97 6.03
CA GLU B 74 -43.76 -12.61 5.03
C GLU B 74 -43.90 -11.10 4.81
N GLY B 75 -42.75 -10.42 4.75
CA GLY B 75 -42.68 -9.01 4.45
C GLY B 75 -42.94 -8.03 5.60
N HIS B 76 -43.07 -8.56 6.82
CA HIS B 76 -43.32 -7.78 8.02
C HIS B 76 -42.11 -7.91 8.95
N VAL B 77 -41.92 -6.89 9.80
CA VAL B 77 -40.74 -6.80 10.66
C VAL B 77 -41.11 -6.36 12.08
N THR B 78 -40.51 -7.03 13.08
CA THR B 78 -40.63 -6.56 14.43
C THR B 78 -39.24 -6.33 15.01
N TYR B 79 -39.20 -5.49 16.06
CA TYR B 79 -37.99 -5.15 16.78
C TYR B 79 -38.20 -5.38 18.26
N HIS B 80 -37.20 -5.96 18.92
CA HIS B 80 -37.24 -6.28 20.35
C HIS B 80 -35.83 -6.18 20.93
N ARG B 81 -35.76 -5.80 22.21
CA ARG B 81 -34.48 -5.76 22.86
C ARG B 81 -34.62 -5.95 24.37
N ARG B 82 -33.60 -6.60 24.96
CA ARG B 82 -33.51 -6.89 26.39
C ARG B 82 -32.07 -6.79 26.84
N PHE B 83 -31.89 -6.17 28.01
CA PHE B 83 -30.60 -6.22 28.65
C PHE B 83 -30.26 -7.67 29.01
N ILE B 84 -29.00 -8.03 28.83
CA ILE B 84 -28.53 -9.38 29.19
C ILE B 84 -28.31 -9.29 30.69
N ARG B 85 -28.83 -10.29 31.42
CA ARG B 85 -28.72 -10.36 32.89
C ARG B 85 -27.42 -11.00 33.30
N THR B 86 -26.35 -10.27 33.06
CA THR B 86 -25.02 -10.71 33.38
C THR B 86 -24.84 -10.41 34.88
N ASP B 87 -23.77 -10.94 35.48
CA ASP B 87 -23.38 -10.52 36.82
C ASP B 87 -23.18 -9.01 36.87
N ALA B 88 -22.44 -8.46 35.88
CA ALA B 88 -22.18 -7.02 35.84
C ALA B 88 -23.45 -6.22 35.89
N TYR B 89 -24.43 -6.60 35.09
CA TYR B 89 -25.68 -5.86 35.06
C TYR B 89 -26.60 -6.08 36.29
N VAL B 90 -26.69 -7.33 36.73
CA VAL B 90 -27.56 -7.71 37.87
C VAL B 90 -27.06 -7.07 39.17
N ARG B 91 -25.76 -7.16 39.39
CA ARG B 91 -25.15 -6.57 40.56
C ARG B 91 -25.17 -5.04 40.51
N ALA B 92 -25.14 -4.48 39.31
CA ALA B 92 -25.27 -3.03 39.20
C ALA B 92 -26.68 -2.59 39.55
N MET B 93 -27.68 -3.32 39.08
CA MET B 93 -29.07 -3.01 39.43
C MET B 93 -29.35 -3.25 40.94
N THR B 94 -28.76 -4.30 41.52
CA THR B 94 -28.94 -4.63 42.94
C THR B 94 -28.32 -3.52 43.80
N GLU B 95 -27.03 -3.25 43.59
CA GLU B 95 -26.31 -2.28 44.41
C GLU B 95 -26.41 -0.83 43.95
N LYS B 96 -27.15 -0.55 42.88
CA LYS B 96 -27.34 0.83 42.34
C LYS B 96 -26.06 1.65 42.09
N ARG B 97 -25.00 0.96 41.70
CA ARG B 97 -23.72 1.54 41.38
C ARG B 97 -22.96 0.62 40.35
N ILE B 98 -21.80 1.06 39.89
CA ILE B 98 -20.95 0.20 39.07
C ILE B 98 -20.22 -0.74 40.01
N VAL B 99 -20.44 -2.05 39.85
CA VAL B 99 -19.85 -3.05 40.73
C VAL B 99 -18.66 -3.77 40.13
N ILE B 100 -18.75 -4.16 38.86
CA ILE B 100 -17.69 -4.90 38.19
C ILE B 100 -16.85 -3.91 37.35
N THR B 101 -15.54 -4.03 37.39
CA THR B 101 -14.68 -3.21 36.57
C THR B 101 -14.87 -3.64 35.07
N GLU B 102 -15.14 -2.66 34.21
CA GLU B 102 -15.23 -2.85 32.76
C GLU B 102 -13.92 -2.49 32.07
N PHE B 103 -13.88 -2.78 30.77
CA PHE B 103 -12.70 -2.51 29.95
C PHE B 103 -11.98 -1.19 30.28
N GLY B 104 -12.71 -0.09 30.27
CA GLY B 104 -12.13 1.20 30.61
C GLY B 104 -12.79 1.96 31.73
N THR B 105 -13.46 1.26 32.67
CA THR B 105 -14.06 1.89 33.84
C THR B 105 -13.77 1.05 35.07
N CYS B 106 -12.92 1.57 35.96
CA CYS B 106 -12.65 0.94 37.25
C CYS B 106 -13.85 1.12 38.22
N ALA B 107 -14.35 0.02 38.76
CA ALA B 107 -15.40 0.09 39.78
C ALA B 107 -14.71 0.28 41.13
N PHE B 108 -15.15 1.26 41.92
CA PHE B 108 -14.57 1.44 43.26
C PHE B 108 -15.38 0.61 44.25
N PRO B 109 -14.80 0.20 45.41
CA PRO B 109 -15.64 -0.46 46.44
C PRO B 109 -16.56 0.51 47.20
N GLU B 127 -12.04 -10.04 40.02
CA GLU B 127 -13.43 -10.18 39.49
C GLU B 127 -13.70 -9.73 38.00
N VAL B 128 -13.68 -10.70 37.08
CA VAL B 128 -13.67 -10.44 35.63
C VAL B 128 -15.06 -10.12 35.09
N THR B 129 -15.15 -9.08 34.25
CA THR B 129 -16.42 -8.75 33.61
C THR B 129 -16.91 -9.86 32.68
N ASP B 130 -18.23 -10.04 32.72
CA ASP B 130 -18.97 -10.92 31.82
C ASP B 130 -19.99 -10.09 31.00
N ASN B 131 -19.74 -8.79 30.87
CA ASN B 131 -20.59 -7.87 30.08
C ASN B 131 -20.51 -8.25 28.59
N ALA B 132 -21.47 -9.07 28.12
CA ALA B 132 -21.41 -9.70 26.80
C ALA B 132 -21.94 -8.78 25.67
N LEU B 133 -21.27 -7.64 25.51
CA LEU B 133 -21.81 -6.57 24.67
C LEU B 133 -21.39 -6.60 23.20
N VAL B 134 -20.51 -7.54 22.83
CA VAL B 134 -19.79 -7.53 21.56
C VAL B 134 -20.40 -8.38 20.45
N ASN B 135 -20.72 -9.63 20.74
CA ASN B 135 -21.23 -10.52 19.68
C ASN B 135 -22.10 -11.65 20.25
N ILE B 136 -22.63 -12.43 19.33
CA ILE B 136 -23.43 -13.60 19.61
C ILE B 136 -23.14 -14.66 18.56
N TYR B 137 -23.03 -15.91 19.00
CA TYR B 137 -22.75 -17.00 18.12
C TYR B 137 -23.34 -18.35 18.60
N PRO B 138 -23.52 -19.30 17.67
CA PRO B 138 -24.08 -20.60 17.98
C PRO B 138 -23.05 -21.64 18.42
N VAL B 139 -23.43 -22.41 19.43
CA VAL B 139 -22.73 -23.63 19.81
C VAL B 139 -23.78 -24.70 19.99
N GLY B 140 -23.66 -25.80 19.24
CA GLY B 140 -24.71 -26.83 19.24
C GLY B 140 -26.03 -26.16 18.91
N GLU B 141 -27.04 -26.39 19.75
CA GLU B 141 -28.36 -25.79 19.59
C GLU B 141 -28.51 -24.52 20.40
N ASP B 142 -27.43 -24.06 21.01
CA ASP B 142 -27.45 -22.90 21.88
C ASP B 142 -26.86 -21.63 21.21
N TYR B 143 -27.17 -20.48 21.78
CA TYR B 143 -26.59 -19.21 21.36
C TYR B 143 -25.94 -18.58 22.58
N TYR B 144 -24.75 -18.02 22.37
CA TYR B 144 -24.03 -17.34 23.41
C TYR B 144 -23.68 -15.93 23.01
N ALA B 145 -24.07 -14.98 23.85
CA ALA B 145 -23.55 -13.63 23.80
C ALA B 145 -22.17 -13.63 24.42
N CYS B 146 -21.29 -12.73 23.96
CA CYS B 146 -19.93 -12.69 24.45
C CYS B 146 -19.29 -11.32 24.47
N THR B 147 -18.23 -11.24 25.27
CA THR B 147 -17.23 -10.18 25.16
C THR B 147 -15.94 -10.92 24.82
N GLU B 148 -14.82 -10.62 25.45
CA GLU B 148 -13.54 -11.28 25.17
C GLU B 148 -12.89 -11.95 26.39
N THR B 149 -13.68 -12.12 27.44
CA THR B 149 -13.17 -12.70 28.69
C THR B 149 -13.46 -14.21 28.76
N ASN B 150 -13.24 -14.81 29.92
CA ASN B 150 -13.55 -16.24 30.14
C ASN B 150 -15.05 -16.55 30.29
N PHE B 151 -15.87 -15.52 30.47
CA PHE B 151 -17.30 -15.68 30.66
C PHE B 151 -18.09 -15.40 29.37
N ILE B 152 -18.90 -16.38 28.95
CA ILE B 152 -19.90 -16.20 27.89
C ILE B 152 -21.27 -16.46 28.47
N THR B 153 -22.30 -15.87 27.87
CA THR B 153 -23.65 -15.89 28.43
C THR B 153 -24.63 -16.52 27.45
N LYS B 154 -25.15 -17.67 27.84
CA LYS B 154 -26.14 -18.36 27.06
C LYS B 154 -27.43 -17.54 27.07
N VAL B 155 -28.02 -17.36 25.90
CA VAL B 155 -29.23 -16.56 25.75
C VAL B 155 -30.25 -17.28 24.89
N ASN B 156 -31.51 -16.94 25.08
CA ASN B 156 -32.61 -17.52 24.33
C ASN B 156 -32.83 -16.63 23.11
N PRO B 157 -32.66 -17.17 21.89
CA PRO B 157 -32.73 -16.32 20.67
C PRO B 157 -34.13 -15.87 20.26
N GLU B 158 -35.16 -16.46 20.87
CA GLU B 158 -36.54 -16.09 20.57
C GLU B 158 -37.10 -15.09 21.55
N THR B 159 -36.84 -15.30 22.84
CA THR B 159 -37.35 -14.41 23.89
C THR B 159 -36.36 -13.35 24.34
N LEU B 160 -35.07 -13.56 24.05
CA LEU B 160 -33.99 -12.71 24.53
C LEU B 160 -33.71 -12.82 26.05
N GLU B 161 -34.23 -13.87 26.69
CA GLU B 161 -33.96 -14.09 28.10
C GLU B 161 -32.56 -14.62 28.28
N THR B 162 -31.97 -14.30 29.41
CA THR B 162 -30.63 -14.72 29.76
C THR B 162 -30.79 -16.10 30.41
N ILE B 163 -30.02 -17.10 30.00
CA ILE B 163 -30.21 -18.45 30.52
C ILE B 163 -29.15 -18.78 31.57
N LYS B 164 -27.88 -18.57 31.23
CA LYS B 164 -26.76 -19.11 32.03
C LYS B 164 -25.47 -18.35 31.78
N GLN B 165 -24.64 -18.20 32.82
CA GLN B 165 -23.24 -17.81 32.67
C GLN B 165 -22.38 -19.05 32.52
N VAL B 166 -21.47 -19.05 31.54
CA VAL B 166 -20.53 -20.15 31.32
C VAL B 166 -19.11 -19.64 31.46
N ASP B 167 -18.35 -20.32 32.31
CA ASP B 167 -16.95 -19.97 32.53
C ASP B 167 -16.15 -20.96 31.72
N LEU B 168 -15.46 -20.47 30.67
CA LEU B 168 -14.66 -21.32 29.80
C LEU B 168 -13.49 -21.97 30.53
N CYS B 169 -13.01 -21.32 31.59
CA CYS B 169 -11.97 -21.92 32.44
C CYS B 169 -12.36 -23.24 33.13
N ASN B 170 -13.64 -23.53 33.26
CA ASN B 170 -14.11 -24.85 33.70
C ASN B 170 -13.86 -25.97 32.71
N TYR B 171 -13.57 -25.62 31.45
CA TYR B 171 -13.44 -26.58 30.38
C TYR B 171 -12.06 -26.63 29.71
N VAL B 172 -11.36 -25.50 29.61
CA VAL B 172 -10.15 -25.44 28.82
C VAL B 172 -9.24 -24.39 29.38
N SER B 173 -7.97 -24.53 29.03
CA SER B 173 -6.92 -23.68 29.56
C SER B 173 -6.72 -22.42 28.69
N VAL B 174 -7.57 -21.40 28.93
CA VAL B 174 -7.40 -20.07 28.36
C VAL B 174 -7.83 -19.07 29.40
N ASN B 175 -7.29 -17.86 29.35
CA ASN B 175 -7.77 -16.76 30.19
C ASN B 175 -8.90 -15.95 29.60
N GLY B 176 -9.14 -16.14 28.31
CA GLY B 176 -10.20 -15.45 27.62
C GLY B 176 -10.34 -16.05 26.24
N ALA B 177 -11.34 -15.59 25.49
CA ALA B 177 -11.45 -16.05 24.10
C ALA B 177 -12.06 -14.91 23.32
N THR B 178 -11.77 -14.79 22.03
CA THR B 178 -12.22 -13.63 21.25
C THR B 178 -13.72 -13.65 21.07
N ALA B 179 -14.25 -12.52 20.62
CA ALA B 179 -15.66 -12.45 20.23
C ALA B 179 -15.88 -12.89 18.79
N HIS B 180 -14.86 -13.48 18.15
CA HIS B 180 -14.96 -13.85 16.72
C HIS B 180 -14.53 -15.29 16.44
N PRO B 181 -15.24 -16.27 17.06
CA PRO B 181 -14.96 -17.67 16.70
C PRO B 181 -15.35 -17.92 15.26
N HIS B 182 -14.66 -18.83 14.60
CA HIS B 182 -15.08 -19.34 13.31
C HIS B 182 -15.99 -20.55 13.49
N ILE B 183 -16.97 -20.67 12.61
CA ILE B 183 -17.99 -21.68 12.73
C ILE B 183 -17.98 -22.41 11.41
N GLU B 184 -17.52 -23.66 11.40
CA GLU B 184 -17.60 -24.49 10.19
C GLU B 184 -19.05 -24.89 9.87
N ASN B 185 -19.30 -25.39 8.67
CA ASN B 185 -20.70 -25.66 8.28
C ASN B 185 -21.35 -26.82 9.07
N ASP B 186 -20.58 -27.78 9.57
CA ASP B 186 -21.16 -28.78 10.47
C ASP B 186 -21.42 -28.30 11.92
N GLY B 187 -21.04 -27.07 12.28
CA GLY B 187 -21.23 -26.53 13.64
C GLY B 187 -20.00 -26.52 14.56
N THR B 188 -18.90 -27.09 14.09
CA THR B 188 -17.62 -27.04 14.79
C THR B 188 -17.23 -25.57 14.98
N VAL B 189 -16.80 -25.23 16.20
CA VAL B 189 -16.46 -23.87 16.58
C VAL B 189 -14.96 -23.83 16.89
N TYR B 190 -14.25 -22.89 16.27
CA TYR B 190 -12.87 -22.63 16.60
C TYR B 190 -12.75 -21.24 17.18
N ASN B 191 -11.90 -21.09 18.18
CA ASN B 191 -11.59 -19.80 18.77
C ASN B 191 -10.15 -19.76 19.21
N ILE B 192 -9.67 -18.56 19.57
CA ILE B 192 -8.31 -18.35 20.05
C ILE B 192 -8.40 -17.52 21.31
N GLY B 193 -7.48 -17.78 22.25
CA GLY B 193 -7.44 -17.05 23.51
C GLY B 193 -6.03 -17.06 24.07
N ASN B 194 -5.72 -16.01 24.86
CA ASN B 194 -4.46 -15.92 25.59
C ASN B 194 -4.45 -16.99 26.68
N CYS B 195 -3.26 -17.53 26.94
CA CYS B 195 -3.03 -18.44 28.06
C CYS B 195 -1.84 -17.95 28.89
N PHE B 196 -2.10 -17.45 30.11
CA PHE B 196 -1.07 -16.95 31.09
C PHE B 196 -0.68 -18.02 32.11
N ILE B 202 3.42 -19.34 28.55
CA ILE B 202 2.60 -18.30 27.94
C ILE B 202 2.44 -18.66 26.44
N ALA B 203 1.20 -18.71 25.97
CA ALA B 203 0.89 -19.09 24.60
C ALA B 203 -0.42 -18.48 24.17
N TYR B 204 -0.79 -18.70 22.91
CA TYR B 204 -2.13 -18.41 22.42
C TYR B 204 -2.69 -19.75 21.99
N ASN B 205 -3.82 -20.16 22.59
CA ASN B 205 -4.38 -21.48 22.33
C ASN B 205 -5.57 -21.43 21.41
N ILE B 206 -5.64 -22.37 20.49
CA ILE B 206 -6.84 -22.58 19.67
C ILE B 206 -7.73 -23.64 20.36
N VAL B 207 -8.96 -23.23 20.64
CA VAL B 207 -10.01 -24.07 21.19
C VAL B 207 -10.90 -24.56 20.04
N LYS B 208 -11.22 -25.85 20.08
CA LYS B 208 -12.18 -26.48 19.19
C LYS B 208 -13.34 -26.98 20.02
N ILE B 209 -14.55 -26.61 19.62
CA ILE B 209 -15.77 -27.11 20.23
C ILE B 209 -16.49 -27.91 19.17
N PRO B 210 -16.76 -29.19 19.46
CA PRO B 210 -17.31 -30.04 18.41
C PRO B 210 -18.78 -29.76 18.14
N PRO B 211 -19.30 -30.25 17.00
CA PRO B 211 -20.75 -30.18 16.74
C PRO B 211 -21.55 -31.01 17.75
N LEU B 212 -22.85 -30.74 17.85
CA LEU B 212 -23.72 -31.50 18.77
C LEU B 212 -23.79 -32.94 18.30
N GLN B 213 -23.44 -33.88 19.19
CA GLN B 213 -23.43 -35.31 18.86
C GLN B 213 -24.78 -35.97 19.21
N ALA B 214 -24.91 -37.27 18.89
CA ALA B 214 -26.17 -37.99 19.15
C ALA B 214 -26.54 -38.02 20.65
N ASP B 215 -25.55 -38.15 21.54
CA ASP B 215 -25.79 -38.10 23.00
C ASP B 215 -26.47 -36.82 23.52
N LYS B 216 -26.46 -35.76 22.72
CA LYS B 216 -27.10 -34.49 23.07
C LYS B 216 -26.45 -33.75 24.24
N GLU B 217 -25.25 -34.16 24.67
CA GLU B 217 -24.55 -33.46 25.75
C GLU B 217 -24.05 -32.12 25.25
N ASP B 218 -23.80 -31.23 26.19
CA ASP B 218 -23.38 -29.89 25.90
C ASP B 218 -22.00 -29.95 25.19
N PRO B 219 -21.93 -29.46 23.94
CA PRO B 219 -20.65 -29.51 23.24
C PRO B 219 -19.50 -28.79 23.94
N ILE B 220 -19.78 -27.79 24.77
CA ILE B 220 -18.72 -27.11 25.53
C ILE B 220 -17.97 -28.08 26.43
N SER B 221 -18.65 -29.08 26.97
CA SER B 221 -17.95 -30.06 27.81
C SER B 221 -17.01 -30.98 27.02
N LYS B 222 -17.11 -30.98 25.69
CA LYS B 222 -16.12 -31.67 24.83
C LYS B 222 -15.05 -30.75 24.22
N SER B 223 -14.95 -29.50 24.70
CA SER B 223 -13.95 -28.54 24.26
C SER B 223 -12.56 -29.07 24.43
N GLU B 224 -11.67 -28.72 23.52
CA GLU B 224 -10.28 -28.98 23.74
C GLU B 224 -9.35 -27.99 23.04
N ILE B 225 -8.15 -27.85 23.61
CA ILE B 225 -7.07 -27.14 22.95
C ILE B 225 -6.50 -28.05 21.86
N VAL B 226 -6.55 -27.63 20.59
CA VAL B 226 -5.97 -28.43 19.51
C VAL B 226 -4.60 -27.96 19.00
N VAL B 227 -4.28 -26.69 19.15
CA VAL B 227 -2.95 -26.22 18.80
C VAL B 227 -2.60 -24.94 19.54
N GLN B 228 -1.32 -24.68 19.61
CA GLN B 228 -0.76 -23.63 20.42
C GLN B 228 0.19 -22.78 19.57
N PHE B 229 0.06 -21.45 19.66
CA PHE B 229 0.98 -20.51 18.99
C PHE B 229 1.89 -19.93 20.04
N PRO B 230 3.18 -19.72 19.72
CA PRO B 230 4.12 -19.15 20.68
C PRO B 230 3.95 -17.64 20.82
N CYS B 231 4.50 -17.09 21.88
N CYS B 231 4.47 -17.08 21.91
CA CYS B 231 4.43 -15.67 22.16
CA CYS B 231 4.43 -15.65 22.22
C CYS B 231 5.80 -14.99 21.98
C CYS B 231 5.79 -15.01 21.97
N SER B 232 5.79 -13.77 21.44
CA SER B 232 7.03 -13.04 21.14
C SER B 232 7.77 -12.59 22.38
N ASP B 233 7.04 -12.44 23.48
CA ASP B 233 7.59 -11.89 24.70
C ASP B 233 6.93 -12.63 25.86
N ARG B 234 7.74 -13.30 26.66
CA ARG B 234 7.27 -14.12 27.81
C ARG B 234 6.29 -13.35 28.71
N PHE B 235 6.61 -12.10 29.02
CA PHE B 235 5.83 -11.32 29.99
C PHE B 235 4.76 -10.45 29.37
N LYS B 236 4.71 -10.37 28.03
CA LYS B 236 3.75 -9.51 27.36
C LYS B 236 3.13 -10.19 26.14
N PRO B 237 2.00 -10.88 26.34
CA PRO B 237 1.24 -11.38 25.18
C PRO B 237 0.56 -10.26 24.41
N SER B 238 0.37 -10.47 23.10
CA SER B 238 -0.32 -9.49 22.29
C SER B 238 -1.80 -9.61 22.57
N TYR B 239 -2.49 -8.47 22.45
CA TYR B 239 -3.93 -8.41 22.29
C TYR B 239 -4.33 -9.12 21.00
N VAL B 240 -5.38 -9.96 21.07
CA VAL B 240 -5.89 -10.66 19.91
C VAL B 240 -7.40 -10.55 19.84
N HIS B 241 -7.90 -10.11 18.69
CA HIS B 241 -9.30 -9.82 18.48
C HIS B 241 -10.01 -10.83 17.58
N SER B 242 -9.27 -11.45 16.65
CA SER B 242 -9.82 -12.39 15.68
C SER B 242 -8.67 -13.15 15.08
N PHE B 243 -8.99 -14.09 14.18
CA PHE B 243 -8.00 -14.95 13.54
C PHE B 243 -8.55 -15.52 12.25
N GLY B 244 -7.65 -16.05 11.45
CA GLY B 244 -8.04 -16.57 10.13
C GLY B 244 -8.14 -18.08 10.10
N LEU B 245 -9.05 -18.61 9.30
CA LEU B 245 -9.25 -20.05 9.19
C LEU B 245 -9.54 -20.45 7.74
N THR B 246 -8.94 -21.54 7.30
CA THR B 246 -9.20 -22.14 5.97
C THR B 246 -9.44 -23.63 6.24
N PRO B 247 -9.73 -24.42 5.19
CA PRO B 247 -9.94 -25.84 5.46
C PRO B 247 -8.73 -26.49 6.09
N ASN B 248 -7.51 -26.05 5.73
CA ASN B 248 -6.28 -26.68 6.17
C ASN B 248 -5.40 -25.90 7.12
N TYR B 249 -5.70 -24.63 7.32
CA TYR B 249 -4.80 -23.82 8.10
C TYR B 249 -5.52 -22.87 9.01
N ILE B 250 -4.77 -22.45 10.02
CA ILE B 250 -5.14 -21.45 10.98
C ILE B 250 -4.11 -20.32 10.90
N VAL B 251 -4.57 -19.09 10.80
CA VAL B 251 -3.68 -17.93 10.75
C VAL B 251 -3.87 -17.00 11.93
N PHE B 252 -2.77 -16.67 12.61
CA PHE B 252 -2.78 -15.82 13.79
C PHE B 252 -1.79 -14.67 13.61
N VAL B 253 -2.27 -13.43 13.79
CA VAL B 253 -1.47 -12.23 13.52
C VAL B 253 -1.12 -11.62 14.86
N GLU B 254 0.16 -11.69 15.22
CA GLU B 254 0.65 -11.20 16.49
C GLU B 254 1.11 -9.75 16.35
N THR B 255 0.34 -8.82 16.91
CA THR B 255 0.57 -7.40 16.72
C THR B 255 1.39 -6.78 17.85
N PRO B 256 1.84 -5.52 17.65
CA PRO B 256 2.59 -4.88 18.72
C PRO B 256 1.78 -4.27 19.84
N VAL B 257 0.46 -4.45 19.86
CA VAL B 257 -0.36 -4.04 20.99
C VAL B 257 -0.27 -5.17 22.01
N LYS B 258 0.34 -4.84 23.16
CA LYS B 258 0.68 -5.82 24.19
C LYS B 258 -0.08 -5.58 25.49
N ILE B 259 -0.30 -6.68 26.21
CA ILE B 259 -0.90 -6.67 27.54
C ILE B 259 0.25 -6.83 28.54
N ASN B 260 0.43 -5.83 29.39
CA ASN B 260 1.52 -5.84 30.38
C ASN B 260 1.05 -6.65 31.57
N LEU B 261 1.55 -7.88 31.69
CA LEU B 261 1.14 -8.80 32.75
C LEU B 261 1.58 -8.36 34.16
N PHE B 262 2.68 -7.61 34.27
CA PHE B 262 3.07 -7.01 35.55
C PHE B 262 1.94 -6.10 36.06
N LYS B 263 1.39 -5.27 35.17
CA LYS B 263 0.21 -4.47 35.55
C LYS B 263 -1.08 -5.32 35.63
N PHE B 264 -1.25 -6.27 34.69
CA PHE B 264 -2.52 -7.03 34.56
C PHE B 264 -2.81 -7.88 35.83
N LEU B 265 -1.78 -8.59 36.29
CA LEU B 265 -1.85 -9.52 37.43
C LEU B 265 -1.57 -8.90 38.82
N SER B 266 -1.25 -7.61 38.91
CA SER B 266 -1.17 -6.93 40.21
C SER B 266 -2.60 -6.73 40.76
N SER B 267 -2.73 -6.27 42.02
CA SER B 267 -4.06 -5.97 42.61
C SER B 267 -4.64 -4.63 42.09
N TRP B 268 -5.75 -4.75 41.35
CA TRP B 268 -6.35 -3.61 40.65
C TRP B 268 -7.06 -2.60 41.54
N SER B 269 -7.71 -3.04 42.61
CA SER B 269 -8.33 -2.10 43.58
C SER B 269 -7.31 -1.32 44.44
N LEU B 270 -6.07 -1.83 44.58
CA LEU B 270 -4.96 -1.07 45.18
C LEU B 270 -4.52 0.09 44.27
N TRP B 271 -4.15 -0.23 43.03
CA TRP B 271 -3.75 0.79 42.05
C TRP B 271 -4.94 1.57 41.41
N GLY B 272 -6.16 1.04 41.46
CA GLY B 272 -7.33 1.64 40.78
C GLY B 272 -7.40 1.39 39.26
N ALA B 273 -6.99 0.19 38.83
CA ALA B 273 -6.78 -0.10 37.41
C ALA B 273 -8.00 -0.73 36.68
N ASN B 274 -8.03 -0.52 35.38
CA ASN B 274 -8.93 -1.20 34.49
C ASN B 274 -8.09 -1.94 33.44
N TYR B 275 -8.77 -2.51 32.43
CA TYR B 275 -8.10 -3.30 31.38
C TYR B 275 -7.28 -2.37 30.46
N MET B 276 -7.85 -1.24 30.02
CA MET B 276 -7.13 -0.25 29.21
C MET B 276 -5.79 0.16 29.82
N ASP B 277 -5.72 0.28 31.15
CA ASP B 277 -4.47 0.66 31.85
C ASP B 277 -3.35 -0.37 31.68
N CYS B 278 -3.65 -1.59 31.27
CA CYS B 278 -2.60 -2.58 31.16
C CYS B 278 -2.02 -2.71 29.75
N PHE B 279 -2.55 -1.97 28.76
CA PHE B 279 -2.07 -2.07 27.38
C PHE B 279 -0.84 -1.20 27.15
N GLU B 280 0.07 -1.68 26.32
CA GLU B 280 1.19 -0.85 25.87
C GLU B 280 1.60 -1.30 24.45
N SER B 281 2.41 -0.48 23.81
CA SER B 281 2.81 -0.75 22.43
C SER B 281 4.26 -1.12 22.41
N ASN B 282 4.62 -2.21 21.75
CA ASN B 282 6.02 -2.53 21.53
C ASN B 282 6.43 -1.86 20.24
N GLU B 283 7.42 -0.98 20.35
CA GLU B 283 7.83 -0.12 19.24
C GLU B 283 8.65 -0.81 18.18
N THR B 284 9.38 -1.86 18.50
CA THR B 284 10.38 -2.41 17.59
C THR B 284 10.00 -3.71 16.92
N MET B 285 9.05 -4.48 17.50
CA MET B 285 8.77 -5.83 16.96
C MET B 285 8.07 -5.86 15.60
N GLY B 286 7.32 -4.81 15.26
CA GLY B 286 6.41 -4.86 14.10
C GLY B 286 5.32 -5.91 14.34
N VAL B 287 4.90 -6.58 13.26
CA VAL B 287 3.87 -7.60 13.31
C VAL B 287 4.49 -8.96 12.94
N TRP B 288 4.21 -9.97 13.77
CA TRP B 288 4.62 -11.35 13.50
C TRP B 288 3.39 -12.15 13.05
N LEU B 289 3.47 -12.81 11.91
CA LEU B 289 2.36 -13.63 11.44
C LEU B 289 2.72 -15.10 11.61
N HIS B 290 1.70 -15.89 11.95
CA HIS B 290 1.84 -17.30 12.34
C HIS B 290 0.84 -18.20 11.62
N ILE B 291 1.29 -19.38 11.23
CA ILE B 291 0.40 -20.38 10.66
C ILE B 291 0.49 -21.69 11.43
N ALA B 292 -0.64 -22.37 11.56
CA ALA B 292 -0.65 -23.74 12.03
C ALA B 292 -1.41 -24.60 11.07
N ASP B 293 -0.98 -25.86 10.97
CA ASP B 293 -1.66 -26.88 10.20
C ASP B 293 -2.91 -27.28 11.01
N LYS B 294 -4.10 -27.10 10.47
CA LYS B 294 -5.34 -27.31 11.19
C LYS B 294 -5.59 -28.82 11.48
N LYS B 295 -5.48 -29.64 10.44
CA LYS B 295 -5.79 -31.05 10.52
C LYS B 295 -4.72 -31.87 11.21
N ARG B 296 -3.45 -31.52 11.04
CA ARG B 296 -2.38 -32.21 11.73
C ARG B 296 -2.10 -31.60 13.07
N LYS B 297 -2.74 -30.49 13.42
CA LYS B 297 -2.59 -29.85 14.72
C LYS B 297 -1.14 -29.48 15.08
N LYS B 298 -0.41 -28.85 14.17
CA LYS B 298 0.97 -28.45 14.49
C LYS B 298 1.24 -27.02 14.00
N TYR B 299 1.89 -26.27 14.87
CA TYR B 299 2.51 -25.00 14.56
C TYR B 299 3.53 -25.18 13.46
N ILE B 300 3.51 -24.30 12.47
CA ILE B 300 4.52 -24.29 11.41
C ILE B 300 5.52 -23.18 11.74
N ASN B 301 6.80 -23.51 11.78
CA ASN B 301 7.78 -22.53 12.24
C ASN B 301 8.33 -21.63 11.09
N ASN B 302 7.45 -20.85 10.51
CA ASN B 302 7.84 -19.91 9.45
C ASN B 302 7.75 -18.56 10.08
N LYS B 303 8.84 -17.80 10.04
CA LYS B 303 8.91 -16.50 10.70
C LYS B 303 8.46 -15.35 9.76
N TYR B 304 7.16 -15.23 9.57
CA TYR B 304 6.59 -14.15 8.76
C TYR B 304 6.65 -12.87 9.58
N ARG B 305 7.11 -11.78 8.95
CA ARG B 305 7.37 -10.51 9.64
C ARG B 305 6.96 -9.33 8.76
N THR B 306 6.35 -8.30 9.34
CA THR B 306 6.10 -7.07 8.60
C THR B 306 6.07 -5.85 9.51
N SER B 307 5.76 -4.69 8.94
N SER B 307 5.78 -4.69 8.93
CA SER B 307 5.73 -3.44 9.68
CA SER B 307 5.73 -3.42 9.65
C SER B 307 4.55 -3.37 10.65
C SER B 307 4.53 -3.33 10.61
N PRO B 308 4.59 -2.43 11.60
CA PRO B 308 3.54 -2.38 12.65
C PRO B 308 2.15 -1.93 12.22
N PHE B 309 1.13 -2.64 12.72
CA PHE B 309 -0.24 -2.23 12.58
C PHE B 309 -1.07 -2.81 13.71
N ASN B 310 -2.19 -2.13 14.05
CA ASN B 310 -3.29 -2.74 14.82
C ASN B 310 -4.15 -3.61 13.85
N LEU B 311 -4.70 -4.68 14.39
CA LEU B 311 -5.65 -5.51 13.68
C LEU B 311 -6.77 -5.88 14.62
N PHE B 312 -8.01 -5.56 14.23
CA PHE B 312 -9.20 -6.09 14.90
C PHE B 312 -9.83 -7.24 14.10
N HIS B 313 -10.14 -6.98 12.84
CA HIS B 313 -10.92 -7.92 12.05
C HIS B 313 -10.21 -8.45 10.82
N HIS B 314 -9.99 -9.77 10.80
CA HIS B 314 -9.73 -10.48 9.57
C HIS B 314 -11.00 -10.36 8.72
N ILE B 315 -10.83 -10.26 7.39
CA ILE B 315 -11.96 -10.26 6.45
C ILE B 315 -12.25 -11.69 6.00
N ASN B 316 -11.27 -12.34 5.41
CA ASN B 316 -11.37 -13.72 4.98
C ASN B 316 -9.95 -14.20 4.73
N THR B 317 -9.80 -15.51 4.69
CA THR B 317 -8.53 -16.13 4.47
C THR B 317 -8.77 -17.30 3.54
N TYR B 318 -7.86 -17.58 2.62
CA TYR B 318 -8.00 -18.77 1.76
C TYR B 318 -6.68 -19.26 1.20
N GLU B 319 -6.72 -20.45 0.60
CA GLU B 319 -5.54 -21.12 0.06
C GLU B 319 -5.57 -21.01 -1.46
N ASP B 320 -4.41 -20.74 -2.05
CA ASP B 320 -4.27 -20.61 -3.48
C ASP B 320 -2.90 -21.14 -3.85
N HIS B 321 -2.87 -22.34 -4.43
CA HIS B 321 -1.60 -23.03 -4.79
C HIS B 321 -0.59 -22.98 -3.67
N GLU B 322 -1.01 -23.28 -2.46
CA GLU B 322 -0.09 -23.27 -1.30
C GLU B 322 0.62 -21.91 -1.00
N PHE B 323 -0.17 -20.87 -1.21
CA PHE B 323 0.02 -19.61 -0.57
C PHE B 323 -1.27 -19.42 0.21
N LEU B 324 -1.16 -18.83 1.39
CA LEU B 324 -2.31 -18.29 2.08
C LEU B 324 -2.52 -16.79 1.76
N ILE B 325 -3.76 -16.49 1.34
CA ILE B 325 -4.23 -15.14 1.09
C ILE B 325 -4.91 -14.68 2.37
N VAL B 326 -4.39 -13.62 2.96
CA VAL B 326 -4.81 -13.13 4.26
C VAL B 326 -5.28 -11.68 4.11
N ASP B 327 -6.59 -11.48 4.03
CA ASP B 327 -7.20 -10.16 3.87
C ASP B 327 -7.59 -9.58 5.22
N LEU B 328 -7.11 -8.38 5.52
CA LEU B 328 -7.19 -7.75 6.84
C LEU B 328 -7.69 -6.31 6.80
N CYS B 329 -8.37 -5.89 7.86
CA CYS B 329 -8.66 -4.51 8.16
C CYS B 329 -7.57 -3.97 9.11
N CYS B 330 -6.60 -3.24 8.57
CA CYS B 330 -5.42 -2.78 9.32
C CYS B 330 -5.57 -1.34 9.79
N TRP B 331 -4.80 -1.01 10.81
CA TRP B 331 -4.63 0.37 11.25
C TRP B 331 -3.13 0.64 11.31
N LYS B 332 -2.66 1.57 10.48
CA LYS B 332 -1.22 1.77 10.25
C LYS B 332 -0.61 2.57 11.40
N GLY B 333 0.15 1.87 12.24
CA GLY B 333 0.74 2.43 13.46
C GLY B 333 0.80 1.38 14.57
N PHE B 334 1.50 1.70 15.65
CA PHE B 334 1.52 0.81 16.83
C PHE B 334 0.76 1.32 18.04
N GLU B 335 0.37 2.60 18.04
CA GLU B 335 -0.47 3.11 19.12
C GLU B 335 -1.79 2.32 19.12
N PHE B 336 -2.31 1.99 20.31
CA PHE B 336 -3.56 1.24 20.42
C PHE B 336 -4.72 2.09 19.94
N VAL B 337 -5.40 1.64 18.88
CA VAL B 337 -6.54 2.36 18.32
C VAL B 337 -7.63 2.61 19.37
N TYR B 338 -7.76 1.70 20.33
CA TYR B 338 -8.78 1.85 21.38
C TYR B 338 -8.59 3.10 22.26
N ASN B 339 -7.39 3.69 22.28
CA ASN B 339 -7.22 5.02 22.93
C ASN B 339 -8.13 6.12 22.38
N TYR B 340 -8.56 6.01 21.14
CA TYR B 340 -9.37 7.04 20.52
C TYR B 340 -10.84 6.77 20.75
N LEU B 341 -11.21 5.77 21.56
CA LEU B 341 -12.63 5.35 21.64
C LEU B 341 -13.27 5.52 23.04
N TYR B 342 -12.76 6.46 23.84
CA TYR B 342 -13.45 6.87 25.06
C TYR B 342 -14.72 7.61 24.68
N LEU B 343 -15.79 7.40 25.45
CA LEU B 343 -17.06 8.06 25.12
C LEU B 343 -16.99 9.59 25.13
N ALA B 344 -16.19 10.17 26.02
CA ALA B 344 -16.06 11.64 26.08
C ALA B 344 -15.55 12.21 24.75
N ASN B 345 -14.64 11.49 24.09
CA ASN B 345 -14.15 11.89 22.78
C ASN B 345 -15.15 11.64 21.65
N LEU B 346 -15.81 10.46 21.66
CA LEU B 346 -16.82 10.16 20.65
C LEU B 346 -18.07 11.03 20.76
N ARG B 347 -18.25 11.69 21.91
CA ARG B 347 -19.37 12.62 22.13
C ARG B 347 -19.07 14.10 21.84
N GLU B 348 -17.82 14.42 21.52
CA GLU B 348 -17.49 15.77 21.12
C GLU B 348 -18.19 16.20 19.83
N ASN B 349 -18.18 17.47 19.59
CA ASN B 349 -18.64 18.02 18.32
C ASN B 349 -17.71 17.66 17.17
N TRP B 350 -18.24 17.79 15.97
CA TRP B 350 -17.64 17.20 14.79
C TRP B 350 -16.23 17.69 14.48
N GLU B 351 -15.99 19.02 14.58
CA GLU B 351 -14.63 19.57 14.32
C GLU B 351 -13.63 18.99 15.32
N GLU B 352 -14.05 18.80 16.57
CA GLU B 352 -13.19 18.23 17.58
C GLU B 352 -12.97 16.72 17.35
N VAL B 353 -14.03 16.03 16.92
CA VAL B 353 -13.91 14.59 16.57
C VAL B 353 -12.84 14.40 15.47
N LYS B 354 -12.92 15.23 14.43
CA LYS B 354 -11.94 15.16 13.36
C LYS B 354 -10.53 15.45 13.85
N LYS B 355 -10.38 16.53 14.61
CA LYS B 355 -9.10 16.94 15.20
C LYS B 355 -8.47 15.80 16.01
N ASN B 356 -9.27 15.19 16.88
CA ASN B 356 -8.79 14.11 17.73
C ASN B 356 -8.32 12.90 16.97
N ALA B 357 -8.88 12.66 15.79
CA ALA B 357 -8.44 11.49 14.99
C ALA B 357 -7.21 11.70 14.11
N ARG B 358 -6.72 12.95 14.00
N ARG B 358 -6.71 12.93 13.99
CA ARG B 358 -5.63 13.31 13.09
CA ARG B 358 -5.68 13.23 13.01
C ARG B 358 -4.38 12.49 13.31
C ARG B 358 -4.30 12.60 13.31
N LYS B 359 -4.00 12.28 14.57
CA LYS B 359 -2.77 11.54 14.91
C LYS B 359 -2.96 10.04 15.13
N ALA B 360 -4.18 9.53 14.91
CA ALA B 360 -4.41 8.09 15.09
C ALA B 360 -3.80 7.29 13.94
N PRO B 361 -3.59 5.98 14.16
CA PRO B 361 -3.22 5.16 13.03
C PRO B 361 -4.28 5.27 11.95
N GLN B 362 -3.83 5.17 10.69
CA GLN B 362 -4.70 5.27 9.52
C GLN B 362 -5.23 3.87 9.15
N PRO B 363 -6.56 3.76 8.89
CA PRO B 363 -7.12 2.49 8.48
C PRO B 363 -6.72 2.16 7.03
N GLU B 364 -6.58 0.88 6.74
CA GLU B 364 -6.28 0.42 5.38
C GLU B 364 -6.58 -1.08 5.25
N VAL B 365 -7.27 -1.46 4.18
CA VAL B 365 -7.50 -2.83 3.86
C VAL B 365 -6.28 -3.35 3.10
N ARG B 366 -5.73 -4.45 3.61
CA ARG B 366 -4.52 -5.03 3.08
C ARG B 366 -4.64 -6.53 2.84
N ARG B 367 -4.05 -6.97 1.73
CA ARG B 367 -3.93 -8.38 1.42
C ARG B 367 -2.46 -8.79 1.63
N TYR B 368 -2.25 -9.71 2.55
CA TYR B 368 -0.93 -10.32 2.71
C TYR B 368 -0.94 -11.69 2.07
N VAL B 369 0.21 -12.12 1.57
CA VAL B 369 0.30 -13.43 0.91
C VAL B 369 1.46 -14.19 1.54
N LEU B 370 1.14 -15.35 2.13
CA LEU B 370 2.10 -16.14 2.94
C LEU B 370 2.51 -17.42 2.17
N PRO B 371 3.77 -17.51 1.70
CA PRO B 371 4.17 -18.78 1.04
C PRO B 371 4.30 -19.95 2.05
N LEU B 372 3.73 -21.10 1.69
CA LEU B 372 3.87 -22.31 2.50
C LEU B 372 5.15 -23.08 2.15
N ASN B 373 5.57 -23.07 0.89
CA ASN B 373 6.83 -23.72 0.47
C ASN B 373 7.96 -22.70 0.38
N ILE B 374 8.89 -22.77 1.33
CA ILE B 374 10.05 -21.90 1.42
C ILE B 374 11.31 -22.70 1.01
N ASP B 375 11.84 -22.43 -0.18
CA ASP B 375 13.16 -22.97 -0.63
C ASP B 375 14.32 -22.01 -0.26
N LYS B 376 15.30 -22.51 0.50
CA LYS B 376 16.52 -21.76 0.84
C LYS B 376 17.30 -21.20 -0.35
N ALA B 377 17.24 -21.91 -1.46
CA ALA B 377 17.84 -21.42 -2.69
C ALA B 377 17.24 -20.07 -3.16
N ASP B 378 16.02 -19.75 -2.73
CA ASP B 378 15.43 -18.43 -3.03
C ASP B 378 15.74 -17.34 -2.01
N THR B 379 16.74 -17.56 -1.17
CA THR B 379 17.14 -16.53 -0.23
C THR B 379 17.42 -15.20 -0.93
N GLY B 380 16.83 -14.13 -0.40
CA GLY B 380 16.97 -12.79 -0.95
C GLY B 380 15.94 -12.38 -1.99
N LYS B 381 15.09 -13.32 -2.41
CA LYS B 381 14.11 -13.09 -3.45
C LYS B 381 12.68 -13.07 -2.92
N ASN B 382 11.76 -12.66 -3.80
CA ASN B 382 10.34 -12.60 -3.55
C ASN B 382 9.76 -13.98 -3.87
N LEU B 383 9.14 -14.60 -2.87
CA LEU B 383 8.57 -15.94 -2.98
C LEU B 383 7.16 -15.99 -3.51
N VAL B 384 6.50 -14.84 -3.60
CA VAL B 384 5.12 -14.79 -4.07
C VAL B 384 5.07 -14.75 -5.58
N THR B 385 5.05 -15.95 -6.16
CA THR B 385 5.08 -16.17 -7.57
C THR B 385 3.67 -16.27 -8.18
N LEU B 386 2.61 -16.10 -7.38
CA LEU B 386 1.25 -15.99 -7.93
C LEU B 386 1.13 -14.82 -8.91
N PRO B 387 0.29 -14.99 -9.95
CA PRO B 387 0.28 -14.05 -11.07
C PRO B 387 -0.61 -12.84 -10.92
N ASN B 388 -1.53 -12.83 -9.97
CA ASN B 388 -2.55 -11.78 -9.87
C ASN B 388 -2.48 -11.03 -8.52
N THR B 389 -1.29 -10.89 -7.92
CA THR B 389 -1.10 -10.07 -6.71
C THR B 389 0.19 -9.25 -6.79
N THR B 390 0.24 -8.11 -6.09
CA THR B 390 1.51 -7.36 -5.84
C THR B 390 2.06 -7.54 -4.44
N ALA B 391 1.42 -8.39 -3.65
CA ALA B 391 1.97 -8.73 -2.35
C ALA B 391 3.29 -9.51 -2.55
N THR B 392 4.23 -9.29 -1.61
CA THR B 392 5.56 -9.88 -1.65
C THR B 392 5.93 -10.53 -0.31
N ALA B 393 6.87 -11.46 -0.39
CA ALA B 393 7.40 -12.12 0.79
C ALA B 393 8.87 -12.43 0.54
N ILE B 394 9.77 -11.70 1.19
CA ILE B 394 11.18 -11.79 0.95
C ILE B 394 11.81 -12.71 1.97
N LEU B 395 12.41 -13.81 1.49
CA LEU B 395 13.19 -14.71 2.37
C LEU B 395 14.55 -14.11 2.73
N CYS B 396 14.77 -13.80 4.01
CA CYS B 396 16.03 -13.29 4.47
C CYS B 396 16.97 -14.42 4.91
N SER B 397 18.25 -14.06 5.11
CA SER B 397 19.29 -15.00 5.51
C SER B 397 19.08 -15.55 6.90
N ASP B 398 18.55 -14.76 7.82
CA ASP B 398 18.16 -15.29 9.12
C ASP B 398 16.85 -16.09 9.07
N GLU B 399 16.30 -16.32 7.87
CA GLU B 399 15.05 -17.08 7.68
C GLU B 399 13.75 -16.35 8.13
N THR B 400 13.82 -15.07 8.48
CA THR B 400 12.60 -14.26 8.56
C THR B 400 12.09 -14.09 7.12
N ILE B 401 10.77 -14.03 6.98
CA ILE B 401 10.14 -13.82 5.68
C ILE B 401 9.43 -12.47 5.79
N TRP B 402 10.01 -11.45 5.16
CA TRP B 402 9.52 -10.10 5.29
C TRP B 402 8.39 -9.89 4.27
N LEU B 403 7.22 -9.45 4.73
CA LEU B 403 6.05 -9.32 3.84
C LEU B 403 5.74 -7.88 3.49
N GLU B 404 5.23 -7.64 2.29
CA GLU B 404 4.60 -6.36 1.93
C GLU B 404 3.23 -6.65 1.44
N PRO B 405 2.27 -5.77 1.74
CA PRO B 405 0.91 -5.99 1.31
C PRO B 405 0.60 -5.48 -0.08
N GLU B 406 -0.50 -6.01 -0.58
CA GLU B 406 -1.28 -5.40 -1.62
C GLU B 406 -2.43 -4.67 -0.97
N VAL B 407 -2.48 -3.34 -1.19
CA VAL B 407 -3.52 -2.51 -0.62
C VAL B 407 -4.78 -2.65 -1.46
N LEU B 408 -5.90 -3.00 -0.82
CA LEU B 408 -7.15 -3.18 -1.52
C LEU B 408 -8.04 -1.94 -1.41
N PHE B 409 -7.89 -1.18 -0.30
CA PHE B 409 -8.67 0.04 -0.08
C PHE B 409 -7.97 0.93 0.93
N SER B 410 -7.94 2.23 0.66
CA SER B 410 -7.32 3.21 1.52
C SER B 410 -7.96 4.59 1.30
N GLY B 411 -8.49 5.19 2.35
CA GLY B 411 -9.02 6.56 2.29
C GLY B 411 -8.69 7.27 3.60
N PRO B 412 -8.47 8.62 3.57
CA PRO B 412 -7.97 9.37 4.75
C PRO B 412 -8.91 9.36 5.92
N ARG B 413 -8.53 8.66 6.98
CA ARG B 413 -9.39 8.43 8.14
C ARG B 413 -10.79 7.87 7.78
N GLN B 414 -10.82 7.16 6.66
CA GLN B 414 -12.02 6.50 6.14
C GLN B 414 -11.77 5.00 6.25
N ALA B 415 -12.24 4.40 7.33
CA ALA B 415 -12.02 2.96 7.58
C ALA B 415 -13.10 2.10 6.96
N PHE B 416 -12.71 1.09 6.15
CA PHE B 416 -13.61 0.00 5.79
C PHE B 416 -13.44 -0.99 6.95
N GLU B 417 -14.42 -1.05 7.84
CA GLU B 417 -14.33 -1.85 9.05
C GLU B 417 -15.57 -2.72 9.22
N PHE B 418 -15.61 -3.47 10.32
CA PHE B 418 -16.66 -4.46 10.60
C PHE B 418 -16.96 -5.27 9.33
N PRO B 419 -15.93 -5.92 8.76
CA PRO B 419 -16.11 -6.64 7.49
C PRO B 419 -16.97 -7.87 7.66
N GLN B 420 -17.75 -8.18 6.62
CA GLN B 420 -18.54 -9.39 6.53
C GLN B 420 -18.48 -9.87 5.09
N ILE B 421 -18.63 -11.17 4.90
CA ILE B 421 -18.67 -11.78 3.59
C ILE B 421 -19.90 -12.69 3.50
N ASN B 422 -20.08 -13.38 2.38
CA ASN B 422 -21.01 -14.49 2.26
C ASN B 422 -20.34 -15.68 2.93
N TYR B 423 -20.45 -15.70 4.25
CA TYR B 423 -19.59 -16.55 5.07
C TYR B 423 -19.86 -18.05 4.88
N GLN B 424 -21.13 -18.42 4.83
CA GLN B 424 -21.49 -19.85 4.79
C GLN B 424 -20.99 -20.59 3.56
N LYS B 425 -20.90 -19.91 2.43
CA LYS B 425 -20.38 -20.50 1.21
C LYS B 425 -18.94 -20.13 0.86
N TYR B 426 -18.45 -18.98 1.33
CA TYR B 426 -17.08 -18.50 0.95
C TYR B 426 -16.08 -18.27 2.07
N GLY B 427 -16.49 -18.45 3.32
CA GLY B 427 -15.58 -18.41 4.45
C GLY B 427 -14.50 -19.47 4.29
N GLY B 428 -13.24 -19.06 4.41
CA GLY B 428 -12.11 -19.95 4.23
C GLY B 428 -11.78 -20.26 2.80
N LYS B 429 -12.47 -19.63 1.84
CA LYS B 429 -12.40 -20.03 0.43
C LYS B 429 -12.12 -18.83 -0.49
N PRO B 430 -11.61 -19.12 -1.71
CA PRO B 430 -11.51 -18.06 -2.71
C PRO B 430 -12.81 -17.26 -2.84
N TYR B 431 -12.69 -15.95 -2.89
CA TYR B 431 -13.87 -15.09 -2.86
C TYR B 431 -13.58 -13.78 -3.59
N THR B 432 -14.62 -12.99 -3.80
CA THR B 432 -14.55 -11.75 -4.56
C THR B 432 -15.06 -10.53 -3.76
N TYR B 433 -16.03 -10.70 -2.85
CA TYR B 433 -16.72 -9.56 -2.27
C TYR B 433 -16.66 -9.51 -0.74
N ALA B 434 -16.44 -8.29 -0.22
CA ALA B 434 -16.57 -7.99 1.20
C ALA B 434 -17.48 -6.78 1.40
N TYR B 435 -18.25 -6.80 2.50
CA TYR B 435 -19.11 -5.71 2.91
C TYR B 435 -18.52 -5.15 4.21
N GLY B 436 -18.76 -3.87 4.46
CA GLY B 436 -18.18 -3.23 5.63
C GLY B 436 -18.96 -2.03 6.05
N LEU B 437 -18.72 -1.63 7.30
CA LEU B 437 -19.19 -0.38 7.84
C LEU B 437 -18.09 0.67 7.63
N GLY B 438 -18.43 1.77 7.01
CA GLY B 438 -17.44 2.85 6.79
C GLY B 438 -17.41 3.79 7.98
N LEU B 439 -16.22 3.96 8.55
CA LEU B 439 -16.00 4.95 9.60
C LEU B 439 -15.35 6.22 9.03
N ASN B 440 -15.79 7.37 9.50
CA ASN B 440 -15.31 8.67 9.10
C ASN B 440 -14.77 9.35 10.34
N HIS B 441 -13.46 9.33 10.52
CA HIS B 441 -12.84 9.76 11.76
C HIS B 441 -13.50 9.08 12.97
N PHE B 442 -13.70 7.76 12.84
CA PHE B 442 -14.30 6.86 13.85
C PHE B 442 -15.85 6.85 13.92
N VAL B 443 -16.50 7.79 13.23
CA VAL B 443 -17.94 7.89 13.24
C VAL B 443 -18.49 7.05 12.11
N PRO B 444 -19.42 6.12 12.42
CA PRO B 444 -19.95 5.27 11.39
C PRO B 444 -20.97 6.00 10.54
N ASP B 445 -20.72 6.17 9.26
CA ASP B 445 -21.64 6.98 8.42
C ASP B 445 -21.96 6.45 7.03
N ARG B 446 -21.64 5.20 6.74
CA ARG B 446 -21.94 4.64 5.42
C ARG B 446 -21.77 3.15 5.44
N LEU B 447 -22.28 2.51 4.41
CA LEU B 447 -22.05 1.09 4.17
C LEU B 447 -21.26 0.95 2.89
N CYS B 448 -20.40 -0.06 2.84
CA CYS B 448 -19.47 -0.24 1.74
C CYS B 448 -19.42 -1.67 1.22
N LYS B 449 -19.10 -1.80 -0.05
CA LYS B 449 -18.85 -3.11 -0.65
C LYS B 449 -17.55 -2.95 -1.42
N LEU B 450 -16.70 -3.98 -1.35
CA LEU B 450 -15.40 -3.97 -1.98
C LEU B 450 -15.25 -5.23 -2.78
N ASN B 451 -14.87 -5.09 -4.04
CA ASN B 451 -14.49 -6.21 -4.85
C ASN B 451 -12.99 -6.37 -4.62
N VAL B 452 -12.60 -7.44 -3.93
CA VAL B 452 -11.19 -7.64 -3.56
C VAL B 452 -10.24 -7.98 -4.73
N LYS B 453 -10.79 -8.40 -5.88
CA LYS B 453 -10.01 -8.64 -7.11
C LYS B 453 -9.79 -7.37 -7.95
N THR B 454 -10.81 -6.55 -8.13
CA THR B 454 -10.73 -5.39 -8.97
C THR B 454 -10.50 -4.11 -8.16
N LYS B 455 -10.73 -4.11 -6.85
CA LYS B 455 -10.68 -2.90 -5.99
C LYS B 455 -11.78 -1.90 -6.21
N GLU B 456 -12.78 -2.24 -7.01
CA GLU B 456 -13.95 -1.42 -7.11
C GLU B 456 -14.71 -1.38 -5.76
N THR B 457 -15.30 -0.22 -5.45
CA THR B 457 -16.12 -0.02 -4.26
C THR B 457 -17.49 0.55 -4.62
N TRP B 458 -18.46 0.28 -3.75
CA TRP B 458 -19.83 0.81 -3.83
C TRP B 458 -20.07 1.38 -2.43
N VAL B 459 -20.82 2.47 -2.36
CA VAL B 459 -21.15 3.12 -1.09
C VAL B 459 -22.65 3.37 -1.04
N TRP B 460 -23.22 3.20 0.17
CA TRP B 460 -24.54 3.67 0.52
C TRP B 460 -24.39 4.64 1.68
N GLN B 461 -25.07 5.79 1.58
CA GLN B 461 -24.90 6.82 2.58
C GLN B 461 -26.04 7.84 2.50
N GLU B 462 -26.64 8.18 3.64
CA GLU B 462 -27.51 9.35 3.73
C GLU B 462 -26.99 10.30 4.79
N PRO B 463 -27.35 11.61 4.67
CA PRO B 463 -26.97 12.60 5.67
C PRO B 463 -27.45 12.20 7.05
N ASP B 464 -26.70 12.55 8.10
CA ASP B 464 -27.14 12.35 9.49
C ASP B 464 -27.68 10.92 9.79
N SER B 465 -27.04 9.92 9.21
CA SER B 465 -27.43 8.53 9.38
C SER B 465 -26.23 7.66 9.71
N TYR B 466 -26.34 6.93 10.81
CA TYR B 466 -25.23 6.21 11.46
C TYR B 466 -25.54 4.69 11.42
N PRO B 467 -25.00 3.99 10.40
CA PRO B 467 -25.24 2.55 10.26
C PRO B 467 -24.41 1.64 11.16
N SER B 468 -24.78 0.38 11.21
CA SER B 468 -24.03 -0.68 11.88
C SER B 468 -23.36 -1.57 10.86
N GLU B 469 -22.54 -2.48 11.36
CA GLU B 469 -22.01 -3.57 10.56
C GLU B 469 -23.12 -4.15 9.68
N PRO B 470 -22.84 -4.35 8.39
CA PRO B 470 -23.79 -4.98 7.51
C PRO B 470 -23.63 -6.50 7.57
N ILE B 471 -24.73 -7.25 7.61
CA ILE B 471 -24.67 -8.71 7.60
C ILE B 471 -25.33 -9.28 6.37
N PHE B 472 -24.61 -10.20 5.72
CA PHE B 472 -25.03 -10.74 4.41
C PHE B 472 -26.02 -11.88 4.62
N VAL B 473 -27.09 -11.88 3.84
CA VAL B 473 -28.01 -13.02 3.82
C VAL B 473 -28.22 -13.45 2.38
N SER B 474 -27.84 -14.69 2.07
CA SER B 474 -28.00 -15.24 0.74
C SER B 474 -29.48 -15.46 0.34
N HIS B 475 -29.76 -15.18 -0.92
CA HIS B 475 -30.98 -15.64 -1.58
C HIS B 475 -31.01 -17.19 -1.62
N PRO B 476 -32.19 -17.82 -1.38
CA PRO B 476 -32.24 -19.32 -1.36
C PRO B 476 -31.83 -20.02 -2.63
N ASP B 477 -32.02 -19.39 -3.76
CA ASP B 477 -31.64 -19.85 -5.09
C ASP B 477 -30.42 -19.13 -5.67
N ALA B 478 -29.56 -18.55 -4.83
CA ALA B 478 -28.39 -17.85 -5.31
C ALA B 478 -27.51 -18.73 -6.17
N LEU B 479 -27.05 -18.17 -7.28
CA LEU B 479 -26.00 -18.75 -8.11
C LEU B 479 -24.66 -18.05 -7.91
N GLU B 480 -24.68 -16.79 -7.52
CA GLU B 480 -23.47 -15.99 -7.43
C GLU B 480 -23.19 -15.60 -6.00
N GLU B 481 -21.95 -15.23 -5.75
CA GLU B 481 -21.44 -14.93 -4.41
C GLU B 481 -22.22 -13.81 -3.72
N ASP B 482 -22.65 -12.80 -4.48
CA ASP B 482 -23.37 -11.64 -3.97
C ASP B 482 -24.87 -11.61 -4.32
N ASP B 483 -25.45 -12.79 -4.55
CA ASP B 483 -26.91 -12.93 -4.75
C ASP B 483 -27.59 -12.95 -3.38
N GLY B 484 -27.91 -11.77 -2.87
CA GLY B 484 -28.49 -11.68 -1.55
C GLY B 484 -28.64 -10.24 -1.11
N VAL B 485 -28.88 -10.04 0.18
CA VAL B 485 -29.00 -8.71 0.77
C VAL B 485 -28.02 -8.51 1.90
N VAL B 486 -27.80 -7.25 2.26
CA VAL B 486 -27.21 -6.95 3.55
C VAL B 486 -28.22 -6.22 4.44
N LEU B 487 -28.17 -6.52 5.74
CA LEU B 487 -28.99 -5.88 6.77
C LEU B 487 -28.11 -5.04 7.68
N SER B 488 -28.56 -3.82 7.98
CA SER B 488 -27.81 -2.93 8.87
C SER B 488 -28.83 -2.18 9.70
N VAL B 489 -28.47 -1.88 10.95
CA VAL B 489 -29.30 -1.06 11.83
C VAL B 489 -28.77 0.34 11.74
N VAL B 490 -29.65 1.29 11.40
CA VAL B 490 -29.26 2.68 11.17
C VAL B 490 -29.94 3.60 12.17
N VAL B 491 -29.14 4.45 12.81
CA VAL B 491 -29.62 5.46 13.76
C VAL B 491 -29.71 6.80 13.01
N SER B 492 -30.91 7.36 12.98
CA SER B 492 -31.28 8.53 12.16
C SER B 492 -31.90 9.60 13.03
N PRO B 493 -31.10 10.32 13.80
CA PRO B 493 -31.65 11.24 14.79
C PRO B 493 -32.23 12.55 14.27
N GLY B 494 -32.12 12.83 12.98
CA GLY B 494 -32.72 14.04 12.42
C GLY B 494 -34.24 14.06 12.62
N ALA B 495 -34.75 15.16 13.18
CA ALA B 495 -36.21 15.42 13.30
C ALA B 495 -36.85 15.43 11.90
N GLY B 496 -38.11 14.99 11.81
CA GLY B 496 -38.71 14.64 10.49
C GLY B 496 -38.26 13.28 9.94
N GLN B 497 -37.74 12.43 10.83
CA GLN B 497 -37.49 11.01 10.57
C GLN B 497 -37.76 10.31 11.91
N LYS B 498 -38.12 9.04 11.89
CA LYS B 498 -38.15 8.26 13.13
C LYS B 498 -36.70 8.04 13.63
N PRO B 499 -36.52 7.71 14.92
CA PRO B 499 -35.15 7.69 15.44
C PRO B 499 -34.18 6.65 14.85
N ALA B 500 -34.71 5.53 14.31
CA ALA B 500 -33.88 4.44 13.81
C ALA B 500 -34.62 3.51 12.87
N TYR B 501 -33.88 2.72 12.13
CA TYR B 501 -34.50 1.76 11.24
C TYR B 501 -33.59 0.64 10.85
N LEU B 502 -34.22 -0.46 10.45
CA LEU B 502 -33.54 -1.55 9.84
C LEU B 502 -33.45 -1.28 8.34
N LEU B 503 -32.22 -1.31 7.81
CA LEU B 503 -31.98 -1.05 6.38
C LEU B 503 -31.68 -2.36 5.66
N ILE B 504 -32.31 -2.58 4.51
CA ILE B 504 -31.98 -3.72 3.67
C ILE B 504 -31.46 -3.18 2.32
N LEU B 505 -30.25 -3.58 1.94
CA LEU B 505 -29.63 -3.21 0.67
C LEU B 505 -29.43 -4.44 -0.16
N ASN B 506 -29.58 -4.28 -1.48
CA ASN B 506 -29.25 -5.33 -2.42
C ASN B 506 -27.74 -5.47 -2.42
N ALA B 507 -27.25 -6.69 -2.19
CA ALA B 507 -25.79 -6.94 -2.17
C ALA B 507 -25.07 -6.74 -3.48
N LYS B 508 -25.79 -6.84 -4.60
CA LYS B 508 -25.19 -6.60 -5.95
C LYS B 508 -24.57 -5.24 -6.12
N ASP B 509 -25.32 -4.20 -5.74
CA ASP B 509 -24.90 -2.80 -5.94
C ASP B 509 -25.13 -1.87 -4.78
N LEU B 510 -25.48 -2.42 -3.60
CA LEU B 510 -25.87 -1.63 -2.43
C LEU B 510 -27.00 -0.64 -2.63
N SER B 511 -27.92 -0.92 -3.55
CA SER B 511 -29.11 -0.08 -3.69
C SER B 511 -30.14 -0.54 -2.65
N GLU B 512 -30.92 0.41 -2.16
CA GLU B 512 -31.88 0.17 -1.10
C GLU B 512 -33.06 -0.63 -1.62
N VAL B 513 -33.46 -1.65 -0.87
CA VAL B 513 -34.58 -2.51 -1.14
C VAL B 513 -35.74 -2.17 -0.22
N ALA B 514 -35.44 -1.92 1.06
CA ALA B 514 -36.44 -1.52 2.02
C ALA B 514 -35.84 -0.96 3.26
N ARG B 515 -36.67 -0.24 4.02
CA ARG B 515 -36.34 0.02 5.39
C ARG B 515 -37.55 -0.17 6.29
N ALA B 516 -37.26 -0.48 7.55
CA ALA B 516 -38.27 -0.77 8.56
C ALA B 516 -38.01 0.10 9.78
N GLU B 517 -38.82 1.16 9.93
CA GLU B 517 -38.58 2.19 10.94
C GLU B 517 -39.18 1.85 12.29
N VAL B 518 -38.45 2.21 13.34
CA VAL B 518 -38.94 2.05 14.70
C VAL B 518 -39.02 3.40 15.40
N GLU B 519 -39.90 3.48 16.39
CA GLU B 519 -40.23 4.76 17.04
C GLU B 519 -39.37 5.05 18.28
N ILE B 520 -38.32 4.27 18.51
CA ILE B 520 -37.39 4.49 19.63
C ILE B 520 -35.95 4.54 19.13
N ASN B 521 -35.08 5.14 19.94
CA ASN B 521 -33.65 5.16 19.68
C ASN B 521 -33.05 3.78 19.85
N ILE B 522 -31.94 3.56 19.14
CA ILE B 522 -31.13 2.35 19.25
C ILE B 522 -29.68 2.81 19.37
N PRO B 523 -28.95 2.34 20.39
CA PRO B 523 -27.55 2.73 20.42
C PRO B 523 -26.67 1.90 19.47
N VAL B 524 -25.39 2.25 19.45
CA VAL B 524 -24.41 1.50 18.69
C VAL B 524 -24.54 0.00 18.98
N THR B 525 -24.46 -0.81 17.92
CA THR B 525 -24.22 -2.25 18.04
C THR B 525 -22.95 -2.69 17.31
N PHE B 526 -22.28 -3.68 17.86
CA PHE B 526 -21.00 -4.15 17.34
C PHE B 526 -21.12 -5.28 16.30
N HIS B 527 -21.53 -6.47 16.77
CA HIS B 527 -21.60 -7.62 15.88
C HIS B 527 -22.85 -8.45 16.11
N GLY B 528 -23.08 -9.39 15.21
CA GLY B 528 -24.26 -10.22 15.30
C GLY B 528 -24.35 -11.26 14.21
N LEU B 529 -25.55 -11.78 13.99
CA LEU B 529 -25.77 -12.82 13.00
C LEU B 529 -27.22 -12.81 12.58
N PHE B 530 -27.47 -13.41 11.42
CA PHE B 530 -28.83 -13.70 10.98
C PHE B 530 -29.12 -15.18 11.22
N LYS B 531 -30.20 -15.46 11.93
CA LYS B 531 -30.62 -16.81 12.26
C LYS B 531 -31.83 -17.14 11.42
N LYS B 532 -31.66 -18.01 10.44
CA LYS B 532 -32.76 -18.45 9.56
C LYS B 532 -33.77 -19.30 10.30
N SER B 533 -35.05 -19.06 10.05
CA SER B 533 -36.11 -19.96 10.49
C SER B 533 -37.08 -20.20 9.33
FE FE2 C . 16.44 6.70 -15.15
O1 PG4 D . -5.60 -2.56 -28.78
C1 PG4 D . -4.99 -3.71 -28.13
C2 PG4 D . -5.52 -3.94 -26.73
O2 PG4 D . -5.37 -2.75 -25.95
C3 PG4 D . -6.18 -2.76 -24.76
C4 PG4 D . -6.04 -1.45 -23.95
O3 PG4 D . -6.27 -0.34 -24.81
C5 PG4 D . -6.28 0.89 -24.12
C6 PG4 D . -6.60 1.99 -25.13
O4 PG4 D . -5.65 1.99 -26.23
C7 PG4 D . -5.97 3.01 -27.23
C8 PG4 D . -5.34 2.73 -28.59
O5 PG4 D . -5.71 1.42 -29.08
NA NA E . -5.87 -0.47 -27.46
C1 PGE F . -1.40 21.85 -1.05
O1 PGE F . -0.95 23.14 -1.49
C2 PGE F . -2.49 21.26 -1.94
O2 PGE F . -2.11 19.96 -2.44
C3 PGE F . -3.08 19.38 -3.35
C4 PGE F . -2.54 19.22 -4.78
O4 PGE F . -2.38 22.14 -8.46
C6 PGE F . -3.36 21.36 -7.74
C5 PGE F . -2.62 20.29 -6.95
O3 PGE F . -3.30 20.00 -5.73
C1 PGE G . -5.06 18.87 -30.28
O1 PGE G . -4.78 19.69 -31.42
C2 PGE G . -3.88 18.93 -29.32
O2 PGE G . -4.31 18.66 -27.98
C3 PGE G . -3.95 19.68 -27.06
C4 PGE G . -4.69 19.45 -25.78
O4 PGE G . -8.61 18.15 -25.24
C6 PGE G . -8.32 19.55 -25.19
C5 PGE G . -6.86 19.81 -24.81
O3 PGE G . -6.08 19.70 -26.00
O1 A8V H . 23.63 3.73 -16.67
C2 A8V H . 24.01 3.30 -15.37
C1 A8V H . 23.18 2.08 -15.09
C A8V H . 21.71 2.29 -15.45
O A8V H . 21.07 3.28 -14.69
C3 A8V H . 25.49 2.98 -15.24
C15 A8V H . 26.15 3.16 -14.02
C7 A8V H . 27.55 2.98 -13.94
C6 A8V H . 28.24 2.52 -15.04
C5 A8V H . 27.57 2.28 -16.22
C4 A8V H . 26.21 2.51 -16.32
O2 A8V H . 28.24 3.27 -12.79
C8 A8V H . 27.57 3.78 -11.63
C9 A8V H . 28.64 4.16 -10.61
C14 A8V H . 29.57 5.25 -11.15
C13 A8V H . 30.65 5.67 -10.13
C12 A8V H . 30.04 6.09 -8.81
C11 A8V H . 29.11 5.02 -8.28
C10 A8V H . 28.03 4.64 -9.30
O1 A9V I . 16.84 3.02 -14.37
C2 A9V I . 16.44 2.30 -15.54
C1 A9V I . 16.04 3.34 -16.57
C A9V I . 17.19 4.17 -17.05
O A9V I . 17.55 5.12 -16.09
C3 A9V I . 15.25 1.39 -15.24
C15 A9V I . 14.86 0.40 -16.15
C7 A9V I . 13.76 -0.42 -15.88
C6 A9V I . 13.04 -0.25 -14.70
C5 A9V I . 13.45 0.72 -13.80
C4 A9V I . 14.53 1.54 -14.08
O2 A9V I . 13.35 -1.43 -16.72
C8 A9V I . 14.09 -1.68 -17.92
C9 A9V I . 13.12 -1.90 -19.04
C14 A9V I . 12.99 -0.60 -19.86
C13 A9V I . 12.44 -0.77 -21.25
C12 A9V I . 13.22 -1.79 -21.98
C11 A9V I . 13.08 -3.12 -21.30
C10 A9V I . 13.62 -3.08 -19.88
FE FE2 J . -14.95 -7.19 16.53
O1 PG4 K . -27.06 11.66 0.17
C1 PG4 K . -26.01 12.18 1.00
C2 PG4 K . -24.72 12.12 0.21
O2 PG4 K . -24.55 10.81 -0.33
C3 PG4 K . -23.22 10.64 -0.81
C4 PG4 K . -23.01 9.25 -1.36
O3 PG4 K . -24.25 8.58 -1.60
C5 PG4 K . -23.94 7.26 -2.04
C6 PG4 K . -25.22 6.62 -2.51
O4 PG4 K . -26.15 6.63 -1.42
C7 PG4 K . -27.35 5.94 -1.80
C8 PG4 K . -28.54 6.52 -1.01
O5 PG4 K . -28.61 7.95 -1.04
NA NA L . -26.42 9.14 -0.65
C1 PGE M . -7.46 -18.10 -6.77
O1 PGE M . -8.31 -19.24 -6.89
C2 PGE M . -8.08 -16.79 -7.28
O2 PGE M . -9.42 -16.70 -6.80
C3 PGE M . -9.91 -15.44 -6.39
C4 PGE M . -11.37 -15.29 -6.78
O4 PGE M . -13.22 -15.68 -9.32
C6 PGE M . -13.69 -16.75 -8.50
C5 PGE M . -13.50 -16.38 -7.05
O3 PGE M . -12.11 -16.50 -6.72
O1 A8V N . -14.89 -6.30 24.49
C2 A8V N . -13.48 -6.26 24.70
C1 A8V N . -13.01 -4.90 24.21
C A8V N . -13.62 -4.52 22.88
O A8V N . -13.31 -5.36 21.81
C3 A8V N . -13.15 -6.42 26.18
C15 A8V N . -12.00 -7.10 26.56
C7 A8V N . -11.74 -7.35 27.91
C6 A8V N . -12.59 -6.86 28.88
C5 A8V N . -13.70 -6.13 28.49
C4 A8V N . -13.98 -5.91 27.15
O2 A8V N . -10.64 -8.07 28.30
C8 A8V N . -9.72 -8.61 27.33
C9 A8V N . -8.79 -9.56 28.05
C14 A8V N . -9.53 -10.73 28.74
C13 A8V N . -8.59 -11.65 29.51
C12 A8V N . -7.48 -12.20 28.62
C11 A8V N . -6.76 -11.08 27.86
C10 A8V N . -7.74 -10.16 27.12
O1 A9V O . -13.18 -4.01 17.69
C2 A9V O . -14.05 -2.88 17.76
C1 A9V O . -15.44 -3.40 17.35
C A9V O . -15.95 -4.50 18.26
O A9V O . -15.35 -5.73 17.97
C3 A9V O . -13.61 -1.81 16.78
C15 A9V O . -14.14 -0.51 16.86
C7 A9V O . -13.74 0.47 15.92
C6 A9V O . -12.81 0.16 14.96
C5 A9V O . -12.28 -1.11 14.91
C4 A9V O . -12.69 -2.09 15.80
O2 A9V O . -14.26 1.76 15.92
C8 A9V O . -15.21 2.14 16.89
C9 A9V O . -16.33 2.88 16.21
C14 A9V O . -17.40 1.87 15.76
C13 A9V O . -18.77 2.46 15.52
C12 A9V O . -19.20 3.26 16.69
C11 A9V O . -18.28 4.40 16.89
C10 A9V O . -16.87 3.94 17.20
#